data_2DDZ
#
_entry.id   2DDZ
#
_cell.length_a   102.756
_cell.length_b   132.433
_cell.length_c   135.861
_cell.angle_alpha   90.00
_cell.angle_beta   90.00
_cell.angle_gamma   90.00
#
_symmetry.space_group_name_H-M   'P 21 21 21'
#
loop_
_entity.id
_entity.type
_entity.pdbx_description
1 polymer '190aa long hypothetical protein'
2 non-polymer GUANIDINE
3 non-polymer GLYCEROL
4 water water
#
_entity_poly.entity_id   1
_entity_poly.type   'polypeptide(L)'
_entity_poly.pdbx_seq_one_letter_code
;MNSMELLIIKERRIDYDGSAIRSHWAYRNFGILGDSLVVFRGKCNVKVEEMVDIEDLRLRKEIKGDDMVHYILELFWHPD
ILLASSLQKLLIARLVELLWNYGIEASRRGDDIYVNGRKLSISIATVSPVSIKIHIGLNVKTVGVPPGVDAIGLEELGID
PTEFMERSAKALVEEIEKVRKDSLKVRWVT
;
_entity_poly.pdbx_strand_id   A,B,C,D,E,F
#
loop_
_chem_comp.id
_chem_comp.type
_chem_comp.name
_chem_comp.formula
GAI non-polymer GUANIDINE 'C H5 N3'
GOL non-polymer GLYCEROL 'C3 H8 O3'
#
# COMPACT_ATOMS: atom_id res chain seq x y z
N SER A 3 -4.28 10.23 18.25
CA SER A 3 -3.35 11.09 19.03
C SER A 3 -2.01 10.38 19.24
N MET A 4 -1.09 11.11 19.87
CA MET A 4 0.26 10.64 20.05
C MET A 4 0.85 10.89 21.45
N GLU A 5 1.68 9.97 21.93
CA GLU A 5 2.30 10.09 23.23
C GLU A 5 3.66 10.77 23.22
N LEU A 6 3.87 11.66 24.18
CA LEU A 6 5.11 12.39 24.33
C LEU A 6 5.80 12.03 25.64
N LEU A 7 7.08 11.72 25.57
CA LEU A 7 7.86 11.41 26.77
C LEU A 7 9.17 12.19 26.71
N ILE A 8 9.35 13.11 27.64
CA ILE A 8 10.59 13.87 27.71
C ILE A 8 11.31 13.32 28.93
N ILE A 9 12.49 12.75 28.71
CA ILE A 9 13.25 12.21 29.82
C ILE A 9 14.02 13.38 30.46
N LYS A 10 13.50 13.84 31.60
CA LYS A 10 14.06 14.98 32.31
C LYS A 10 15.01 14.64 33.47
N GLU A 11 14.79 13.51 34.12
CA GLU A 11 15.63 13.15 35.28
C GLU A 11 17.06 12.66 34.97
N ARG A 12 17.30 12.03 33.82
CA ARG A 12 18.66 11.57 33.55
C ARG A 12 19.11 11.63 32.10
N ARG A 13 20.41 11.42 31.90
CA ARG A 13 20.99 11.41 30.58
C ARG A 13 20.86 10.03 29.93
N ILE A 14 20.72 10.00 28.61
CA ILE A 14 20.62 8.77 27.83
C ILE A 14 21.46 8.98 26.57
N ASP A 15 22.41 8.09 26.31
CA ASP A 15 23.23 8.23 25.12
C ASP A 15 22.60 7.58 23.90
N TYR A 16 22.96 8.10 22.73
CA TYR A 16 22.43 7.62 21.47
C TYR A 16 23.54 6.98 20.65
N ASP A 17 23.43 5.66 20.45
CA ASP A 17 24.43 4.96 19.63
C ASP A 17 23.79 4.56 18.31
N GLY A 18 22.60 5.10 18.04
CA GLY A 18 21.88 4.82 16.81
C GLY A 18 20.85 3.71 16.96
N SER A 19 21.01 2.87 17.98
CA SER A 19 20.10 1.75 18.18
C SER A 19 18.66 2.16 18.52
N ALA A 20 18.45 3.42 18.90
CA ALA A 20 17.12 3.92 19.25
C ALA A 20 16.28 4.17 17.98
N ILE A 21 16.90 4.02 16.82
CA ILE A 21 16.19 4.24 15.56
C ILE A 21 15.37 3.00 15.17
N ARG A 22 15.60 1.89 15.86
CA ARG A 22 14.91 0.64 15.56
C ARG A 22 13.41 0.62 15.91
N SER A 23 12.65 -0.26 15.26
CA SER A 23 11.22 -0.33 15.50
C SER A 23 10.86 -0.75 16.93
N HIS A 24 9.81 -0.13 17.45
CA HIS A 24 9.30 -0.37 18.80
C HIS A 24 10.26 -0.02 19.91
N TRP A 25 11.22 0.85 19.63
CA TRP A 25 12.17 1.24 20.66
C TRP A 25 11.48 1.83 21.89
N ALA A 26 10.56 2.77 21.67
CA ALA A 26 9.84 3.42 22.76
C ALA A 26 8.90 2.49 23.53
N TYR A 27 8.28 1.55 22.83
CA TYR A 27 7.38 0.64 23.50
C TYR A 27 8.15 -0.38 24.34
N ARG A 28 9.29 -0.81 23.83
CA ARG A 28 10.13 -1.79 24.53
C ARG A 28 10.79 -1.25 25.78
N ASN A 29 11.34 -0.04 25.67
CA ASN A 29 12.05 0.60 26.77
C ASN A 29 11.22 1.44 27.72
N PHE A 30 10.09 1.97 27.27
CA PHE A 30 9.27 2.81 28.13
C PHE A 30 7.80 2.42 28.17
N GLY A 31 7.44 1.32 27.52
CA GLY A 31 6.06 0.90 27.52
C GLY A 31 5.06 1.84 26.88
N ILE A 32 5.53 2.69 25.97
CA ILE A 32 4.65 3.64 25.29
C ILE A 32 4.14 2.96 24.02
N LEU A 33 2.83 2.77 23.94
CA LEU A 33 2.24 2.10 22.80
C LEU A 33 1.84 3.08 21.70
N GLY A 34 2.04 2.69 20.45
CA GLY A 34 1.67 3.50 19.30
C GLY A 34 2.57 4.68 19.00
N ASP A 35 2.06 5.60 18.18
CA ASP A 35 2.76 6.81 17.79
C ASP A 35 3.44 7.50 18.98
N SER A 36 4.71 7.85 18.83
CA SER A 36 5.40 8.47 19.96
C SER A 36 6.65 9.27 19.62
N LEU A 37 6.92 10.24 20.49
CA LEU A 37 8.09 11.10 20.40
C LEU A 37 8.75 10.99 21.77
N VAL A 38 10.02 10.63 21.79
CA VAL A 38 10.75 10.52 23.04
C VAL A 38 11.90 11.48 22.88
N VAL A 39 11.93 12.47 23.78
CA VAL A 39 12.97 13.47 23.79
C VAL A 39 13.88 13.25 24.99
N PHE A 40 15.18 13.19 24.75
CA PHE A 40 16.14 13.00 25.84
C PHE A 40 17.47 13.66 25.51
N ARG A 41 18.34 13.73 26.51
CA ARG A 41 19.64 14.36 26.35
C ARG A 41 20.76 13.42 26.71
N GLY A 42 21.84 13.45 25.93
CA GLY A 42 22.97 12.59 26.21
C GLY A 42 24.05 12.70 25.17
N LYS A 43 24.93 11.72 25.14
CA LYS A 43 26.04 11.70 24.17
C LYS A 43 25.54 11.12 22.85
N CYS A 44 26.37 11.26 21.82
CA CYS A 44 26.02 10.75 20.51
C CYS A 44 27.24 10.11 19.88
N ASN A 45 27.16 8.81 19.65
CA ASN A 45 28.25 8.08 19.03
C ASN A 45 27.61 6.91 18.32
N VAL A 46 27.33 7.11 17.04
CA VAL A 46 26.66 6.10 16.25
C VAL A 46 27.60 5.00 15.75
N LYS A 47 27.31 3.78 16.21
CA LYS A 47 28.07 2.61 15.81
C LYS A 47 27.84 2.36 14.31
N VAL A 48 28.91 2.12 13.57
CA VAL A 48 28.79 1.86 12.14
C VAL A 48 27.71 0.78 11.96
N GLU A 49 27.58 -0.05 12.99
CA GLU A 49 26.60 -1.12 13.00
C GLU A 49 25.20 -0.52 12.82
N GLU A 50 24.91 0.53 13.57
CA GLU A 50 23.60 1.20 13.52
C GLU A 50 23.41 2.40 12.57
N MET A 51 24.38 2.70 11.72
CA MET A 51 24.24 3.83 10.78
C MET A 51 23.20 3.63 9.68
N VAL A 52 22.28 4.58 9.57
CA VAL A 52 21.21 4.49 8.59
C VAL A 52 21.51 5.16 7.26
N ASP A 53 22.20 6.29 7.30
CA ASP A 53 22.55 6.99 6.08
C ASP A 53 23.62 6.18 5.38
N ILE A 54 23.25 5.56 4.26
CA ILE A 54 24.16 4.74 3.47
C ILE A 54 25.36 5.54 2.95
N GLU A 55 25.17 6.83 2.71
CA GLU A 55 26.27 7.66 2.22
C GLU A 55 27.35 7.81 3.29
N ASP A 56 26.92 7.97 4.54
CA ASP A 56 27.86 8.10 5.65
C ASP A 56 28.71 6.84 5.74
N LEU A 57 28.09 5.68 5.58
CA LEU A 57 28.84 4.43 5.64
C LEU A 57 29.88 4.43 4.52
N ARG A 58 29.53 5.04 3.39
CA ARG A 58 30.44 5.10 2.26
C ARG A 58 31.62 6.02 2.60
N LEU A 59 31.32 7.27 2.91
CA LEU A 59 32.36 8.24 3.25
C LEU A 59 33.01 7.93 4.60
N ARG A 60 32.77 6.72 5.11
CA ARG A 60 33.32 6.25 6.39
C ARG A 60 33.27 7.32 7.50
N LYS A 61 32.34 8.26 7.35
CA LYS A 61 32.15 9.35 8.31
C LYS A 61 31.79 8.93 9.72
N GLU A 62 32.03 9.83 10.66
CA GLU A 62 31.71 9.61 12.07
C GLU A 62 30.57 10.52 12.45
N ILE A 63 29.71 10.04 13.34
CA ILE A 63 28.59 10.82 13.84
C ILE A 63 28.73 10.73 15.35
N LYS A 64 29.31 11.76 15.95
CA LYS A 64 29.54 11.82 17.40
C LYS A 64 29.43 13.23 17.97
N GLY A 65 29.18 13.29 19.27
CA GLY A 65 29.04 14.56 19.98
C GLY A 65 28.95 14.20 21.46
N ASP A 66 29.39 15.08 22.35
CA ASP A 66 29.35 14.74 23.76
C ASP A 66 28.10 15.20 24.50
N ASP A 67 27.43 16.23 23.98
CA ASP A 67 26.22 16.71 24.62
C ASP A 67 25.23 17.06 23.52
N MET A 68 24.22 16.21 23.34
CA MET A 68 23.20 16.40 22.29
C MET A 68 21.77 16.20 22.79
N VAL A 69 20.83 16.96 22.24
CA VAL A 69 19.42 16.77 22.58
C VAL A 69 18.92 15.84 21.48
N HIS A 70 18.27 14.75 21.86
CA HIS A 70 17.79 13.74 20.93
C HIS A 70 16.26 13.67 20.88
N TYR A 71 15.74 13.47 19.67
CA TYR A 71 14.29 13.33 19.48
C TYR A 71 14.11 12.06 18.68
N ILE A 72 13.42 11.08 19.25
CA ILE A 72 13.17 9.82 18.54
C ILE A 72 11.68 9.68 18.29
N LEU A 73 11.31 9.80 17.03
CA LEU A 73 9.92 9.70 16.60
C LEU A 73 9.60 8.37 15.92
N GLU A 74 8.47 7.79 16.30
CA GLU A 74 8.04 6.55 15.67
C GLU A 74 6.55 6.68 15.37
N LEU A 75 6.18 6.48 14.11
CA LEU A 75 4.78 6.56 13.69
C LEU A 75 4.39 5.26 13.02
N PHE A 76 3.32 4.65 13.51
CA PHE A 76 2.88 3.41 12.92
C PHE A 76 1.88 3.73 11.83
N TRP A 77 2.39 4.30 10.74
CA TRP A 77 1.61 4.65 9.56
C TRP A 77 2.20 3.76 8.47
N HIS A 78 1.69 3.87 7.25
CA HIS A 78 2.23 3.06 6.16
C HIS A 78 3.72 3.34 6.04
N PRO A 79 4.56 2.30 6.18
CA PRO A 79 6.01 2.52 6.07
C PRO A 79 6.40 2.93 4.66
N ASP A 80 6.30 4.22 4.38
CA ASP A 80 6.63 4.77 3.07
C ASP A 80 7.86 5.66 3.26
N ILE A 81 8.95 5.36 2.57
CA ILE A 81 10.16 6.18 2.70
C ILE A 81 9.89 7.66 2.34
N LEU A 82 9.03 7.93 1.36
CA LEU A 82 8.71 9.31 0.99
C LEU A 82 8.01 10.05 2.11
N LEU A 83 7.09 9.36 2.77
CA LEU A 83 6.37 9.96 3.89
C LEU A 83 7.36 10.25 5.02
N ALA A 84 8.27 9.31 5.27
CA ALA A 84 9.26 9.51 6.32
C ALA A 84 10.10 10.75 6.01
N SER A 85 10.54 10.87 4.76
CA SER A 85 11.37 12.00 4.34
C SER A 85 10.65 13.34 4.37
N SER A 86 9.39 13.37 3.96
CA SER A 86 8.63 14.60 3.95
C SER A 86 8.40 15.08 5.38
N LEU A 87 7.99 14.15 6.23
CA LEU A 87 7.71 14.44 7.62
C LEU A 87 8.96 14.96 8.32
N GLN A 88 10.09 14.29 8.09
CA GLN A 88 11.35 14.71 8.70
C GLN A 88 11.62 16.19 8.40
N LYS A 89 11.55 16.56 7.12
CA LYS A 89 11.86 17.94 6.76
C LYS A 89 10.86 18.97 7.24
N LEU A 90 9.62 18.56 7.44
CA LEU A 90 8.63 19.48 7.97
C LEU A 90 9.02 19.76 9.44
N LEU A 91 9.37 18.70 10.17
CA LEU A 91 9.78 18.83 11.57
C LEU A 91 11.01 19.74 11.69
N ILE A 92 12.00 19.52 10.83
CA ILE A 92 13.19 20.36 10.85
C ILE A 92 12.79 21.81 10.58
N ALA A 93 11.90 22.01 9.60
CA ALA A 93 11.44 23.34 9.29
C ALA A 93 10.72 23.99 10.48
N ARG A 94 9.98 23.21 11.28
CA ARG A 94 9.31 23.75 12.46
C ARG A 94 10.32 24.23 13.49
N LEU A 95 11.37 23.45 13.71
CA LEU A 95 12.43 23.82 14.66
C LEU A 95 13.12 25.10 14.21
N VAL A 96 13.32 25.26 12.90
CA VAL A 96 13.98 26.46 12.42
C VAL A 96 13.09 27.68 12.70
N GLU A 97 11.77 27.53 12.58
CA GLU A 97 10.89 28.66 12.84
C GLU A 97 10.88 28.94 14.34
N LEU A 98 10.89 27.88 15.13
CA LEU A 98 10.89 28.00 16.57
C LEU A 98 12.12 28.78 17.07
N LEU A 99 13.28 28.50 16.49
CA LEU A 99 14.50 29.19 16.89
C LEU A 99 14.42 30.71 16.74
N TRP A 100 13.64 31.18 15.76
CA TRP A 100 13.51 32.62 15.54
C TRP A 100 12.76 33.25 16.72
N ASN A 101 11.94 32.45 17.42
CA ASN A 101 11.21 32.96 18.56
C ASN A 101 12.16 33.22 19.73
N TYR A 102 13.39 32.74 19.58
CA TYR A 102 14.42 32.95 20.60
C TYR A 102 15.40 34.00 20.08
N GLY A 103 15.06 34.63 18.96
CA GLY A 103 15.96 35.62 18.40
C GLY A 103 17.13 35.03 17.62
N ILE A 104 17.05 33.74 17.27
CA ILE A 104 18.12 33.08 16.52
C ILE A 104 17.81 32.95 15.04
N GLU A 105 18.79 33.30 14.20
CA GLU A 105 18.63 33.25 12.75
C GLU A 105 19.12 31.94 12.16
N ALA A 106 18.24 30.95 12.20
CA ALA A 106 18.54 29.63 11.70
C ALA A 106 18.01 29.51 10.28
N SER A 107 18.65 28.65 9.52
CA SER A 107 18.21 28.45 8.17
C SER A 107 18.23 26.95 7.96
N ARG A 108 17.46 26.51 6.97
CA ARG A 108 17.38 25.09 6.68
C ARG A 108 17.99 24.76 5.34
N ARG A 109 18.66 23.61 5.28
CA ARG A 109 19.25 23.10 4.05
C ARG A 109 18.74 21.66 4.06
N GLY A 110 17.53 21.47 3.52
CA GLY A 110 16.93 20.15 3.51
C GLY A 110 16.58 19.73 4.93
N ASP A 111 17.32 18.78 5.48
CA ASP A 111 17.04 18.31 6.83
C ASP A 111 18.04 18.79 7.88
N ASP A 112 18.92 19.71 7.49
CA ASP A 112 19.93 20.25 8.41
C ASP A 112 19.67 21.69 8.80
N ILE A 113 19.96 22.01 10.06
CA ILE A 113 19.77 23.36 10.55
C ILE A 113 21.11 24.08 10.66
N TYR A 114 21.13 25.35 10.29
CA TYR A 114 22.35 26.12 10.35
C TYR A 114 22.18 27.49 10.98
N VAL A 115 23.21 27.92 11.67
CA VAL A 115 23.24 29.24 12.32
C VAL A 115 24.66 29.76 12.15
N ASN A 116 24.81 30.97 11.62
CA ASN A 116 26.13 31.55 11.39
C ASN A 116 26.92 30.58 10.55
N GLY A 117 26.33 30.13 9.44
CA GLY A 117 26.98 29.20 8.55
C GLY A 117 27.46 27.90 9.18
N ARG A 118 27.16 27.68 10.46
CA ARG A 118 27.57 26.48 11.15
C ARG A 118 26.40 25.50 11.38
N LYS A 119 26.67 24.19 11.26
CA LYS A 119 25.66 23.15 11.42
C LYS A 119 25.35 22.86 12.89
N LEU A 120 24.07 22.94 13.21
CA LEU A 120 23.55 22.70 14.56
C LEU A 120 22.94 21.32 14.79
N SER A 121 22.45 20.70 13.71
CA SER A 121 21.75 19.43 13.83
C SER A 121 22.21 18.26 12.96
N ILE A 122 21.68 17.09 13.29
CA ILE A 122 21.86 15.87 12.51
C ILE A 122 20.46 15.24 12.54
N SER A 123 20.13 14.46 11.52
CA SER A 123 18.81 13.87 11.48
C SER A 123 18.79 12.76 10.46
N ILE A 124 17.85 11.83 10.64
CA ILE A 124 17.72 10.75 9.70
C ILE A 124 16.26 10.32 9.70
N ALA A 125 15.76 9.91 8.53
CA ALA A 125 14.38 9.45 8.40
C ALA A 125 14.34 8.15 7.59
N THR A 126 13.84 7.09 8.19
CA THR A 126 13.76 5.84 7.48
C THR A 126 12.49 5.07 7.92
N VAL A 127 12.39 3.82 7.50
CA VAL A 127 11.23 3.03 7.86
C VAL A 127 11.65 1.64 8.31
N SER A 128 10.75 0.94 8.97
CA SER A 128 10.97 -0.43 9.42
C SER A 128 9.83 -1.16 8.70
N PRO A 129 9.73 -2.48 8.87
CA PRO A 129 8.63 -3.12 8.17
C PRO A 129 7.25 -2.73 8.73
N VAL A 130 7.23 -2.10 9.90
CA VAL A 130 5.96 -1.72 10.53
C VAL A 130 5.80 -0.26 10.88
N SER A 131 6.77 0.58 10.63
CA SER A 131 6.61 1.96 11.03
C SER A 131 7.61 2.93 10.44
N ILE A 132 7.38 4.22 10.67
CA ILE A 132 8.26 5.27 10.20
C ILE A 132 9.11 5.65 11.42
N LYS A 133 10.42 5.83 11.21
CA LYS A 133 11.34 6.21 12.29
C LYS A 133 12.17 7.42 11.90
N ILE A 134 12.20 8.39 12.81
CA ILE A 134 12.94 9.63 12.56
C ILE A 134 13.77 10.02 13.78
N HIS A 135 14.96 10.51 13.54
CA HIS A 135 15.78 10.98 14.63
C HIS A 135 16.26 12.40 14.30
N ILE A 136 16.23 13.25 15.31
CA ILE A 136 16.72 14.62 15.18
C ILE A 136 17.62 14.80 16.42
N GLY A 137 18.82 15.30 16.18
CA GLY A 137 19.76 15.56 17.27
C GLY A 137 20.25 17.00 17.16
N LEU A 138 20.17 17.74 18.26
CA LEU A 138 20.63 19.14 18.26
C LEU A 138 21.83 19.28 19.20
N ASN A 139 22.91 19.84 18.68
CA ASN A 139 24.12 20.03 19.48
C ASN A 139 23.88 20.97 20.66
N VAL A 140 24.20 20.52 21.87
CA VAL A 140 24.06 21.38 23.04
C VAL A 140 25.42 22.09 23.13
N LYS A 141 26.49 21.29 23.05
CA LYS A 141 27.88 21.78 23.07
C LYS A 141 28.56 21.19 21.85
N THR A 142 29.67 21.79 21.43
CA THR A 142 30.39 21.30 20.26
C THR A 142 31.66 20.54 20.65
N VAL A 143 31.61 19.86 21.80
CA VAL A 143 32.73 19.08 22.29
C VAL A 143 32.56 17.64 21.81
N GLY A 144 33.60 17.08 21.20
CA GLY A 144 33.52 15.72 20.72
C GLY A 144 33.03 15.62 19.30
N VAL A 145 32.67 16.75 18.70
CA VAL A 145 32.20 16.77 17.32
C VAL A 145 33.40 16.60 16.40
N PRO A 146 33.21 15.93 15.24
CA PRO A 146 34.27 15.68 14.25
C PRO A 146 34.95 16.86 13.56
N PRO A 147 36.10 16.59 12.90
CA PRO A 147 36.97 17.48 12.14
C PRO A 147 36.43 17.43 10.72
N GLY A 148 36.21 18.60 10.13
CA GLY A 148 35.66 18.66 8.79
C GLY A 148 34.83 19.91 8.84
N VAL A 149 33.69 19.88 9.51
CA VAL A 149 33.00 21.15 9.52
C VAL A 149 32.45 21.57 10.84
N ASP A 150 32.46 22.89 10.95
CA ASP A 150 32.04 23.64 12.09
C ASP A 150 30.62 23.37 12.55
N ALA A 151 30.47 23.20 13.86
CA ALA A 151 29.20 22.97 14.49
C ALA A 151 28.96 24.14 15.43
N ILE A 152 27.76 24.19 15.98
CA ILE A 152 27.38 25.24 16.89
C ILE A 152 26.33 24.54 17.74
N GLY A 153 26.23 24.91 19.01
CA GLY A 153 25.28 24.27 19.89
C GLY A 153 24.39 25.26 20.61
N LEU A 154 23.32 24.75 21.22
CA LEU A 154 22.37 25.57 21.95
C LEU A 154 23.04 26.46 22.99
N GLU A 155 23.95 25.89 23.77
CA GLU A 155 24.68 26.62 24.82
C GLU A 155 25.19 27.95 24.26
N GLU A 156 25.95 27.84 23.17
CA GLU A 156 26.50 29.00 22.49
C GLU A 156 25.41 29.96 22.02
N LEU A 157 24.27 29.43 21.60
CA LEU A 157 23.16 30.25 21.13
C LEU A 157 22.41 30.87 22.29
N GLY A 158 22.85 30.55 23.51
CA GLY A 158 22.22 31.09 24.70
C GLY A 158 20.88 30.46 25.05
N ILE A 159 20.63 29.26 24.57
CA ILE A 159 19.37 28.57 24.81
C ILE A 159 19.52 27.48 25.89
N ASP A 160 18.56 27.43 26.82
CA ASP A 160 18.57 26.43 27.87
C ASP A 160 18.03 25.11 27.31
N PRO A 161 18.84 24.05 27.33
CA PRO A 161 18.42 22.73 26.82
C PRO A 161 17.08 22.26 27.38
N THR A 162 16.99 22.25 28.72
CA THR A 162 15.78 21.79 29.40
C THR A 162 14.52 22.50 28.92
N GLU A 163 14.54 23.83 28.94
CA GLU A 163 13.41 24.64 28.51
C GLU A 163 13.12 24.40 27.01
N PHE A 164 14.18 24.31 26.20
CA PHE A 164 14.00 24.09 24.76
C PHE A 164 13.42 22.71 24.43
N MET A 165 13.86 21.67 25.15
CA MET A 165 13.38 20.30 24.96
C MET A 165 11.85 20.32 25.15
N GLU A 166 11.43 20.97 26.23
CA GLU A 166 10.03 21.10 26.59
C GLU A 166 9.20 21.81 25.51
N ARG A 167 9.69 22.95 25.04
CA ARG A 167 8.99 23.75 24.05
C ARG A 167 9.00 23.19 22.64
N SER A 168 10.12 22.59 22.22
CA SER A 168 10.23 22.00 20.90
C SER A 168 9.44 20.70 20.81
N ALA A 169 9.45 19.90 21.88
CA ALA A 169 8.71 18.66 21.89
C ALA A 169 7.22 18.94 21.66
N LYS A 170 6.69 19.98 22.31
CA LYS A 170 5.29 20.36 22.15
C LYS A 170 5.00 20.85 20.73
N ALA A 171 5.96 21.56 20.15
CA ALA A 171 5.83 22.09 18.80
C ALA A 171 5.75 20.94 17.79
N LEU A 172 6.63 19.95 17.95
CA LEU A 172 6.66 18.82 17.05
C LEU A 172 5.40 17.98 17.17
N VAL A 173 4.94 17.75 18.40
CA VAL A 173 3.74 16.94 18.60
C VAL A 173 2.54 17.63 17.95
N GLU A 174 2.49 18.96 18.10
CA GLU A 174 1.40 19.75 17.53
C GLU A 174 1.46 19.73 16.00
N GLU A 175 2.67 19.70 15.44
CA GLU A 175 2.87 19.67 13.99
C GLU A 175 2.31 18.37 13.44
N ILE A 176 2.70 17.26 14.07
CA ILE A 176 2.26 15.93 13.67
C ILE A 176 0.73 15.78 13.81
N GLU A 177 0.17 16.33 14.89
CA GLU A 177 -1.28 16.22 15.13
C GLU A 177 -2.08 16.94 14.05
N LYS A 178 -1.59 18.09 13.61
CA LYS A 178 -2.26 18.87 12.57
C LYS A 178 -2.11 18.14 11.23
N VAL A 179 -0.99 17.45 11.04
CA VAL A 179 -0.81 16.71 9.79
C VAL A 179 -1.90 15.64 9.74
N ARG A 180 -2.09 14.98 10.86
CA ARG A 180 -3.10 13.93 10.96
C ARG A 180 -4.53 14.49 10.86
N LYS A 181 -4.80 15.64 11.48
CA LYS A 181 -6.14 16.22 11.43
C LYS A 181 -6.51 16.69 10.02
N ASP A 182 -5.59 17.37 9.36
CA ASP A 182 -5.85 17.85 8.00
C ASP A 182 -6.12 16.69 7.05
N SER A 183 -5.46 15.57 7.29
CA SER A 183 -5.62 14.40 6.42
C SER A 183 -7.00 13.77 6.55
N LEU A 184 -7.75 14.15 7.56
CA LEU A 184 -9.07 13.57 7.79
C LEU A 184 -10.25 14.44 7.39
N LYS A 185 -9.99 15.71 7.07
CA LYS A 185 -11.07 16.65 6.73
C LYS A 185 -11.24 16.95 5.25
N VAL A 186 -10.50 16.25 4.41
CA VAL A 186 -10.56 16.49 2.97
C VAL A 186 -11.16 15.31 2.24
N ARG A 187 -11.98 15.61 1.23
CA ARG A 187 -12.57 14.55 0.42
C ARG A 187 -11.58 14.20 -0.69
N TRP A 188 -11.67 12.98 -1.20
CA TRP A 188 -10.80 12.58 -2.29
C TRP A 188 -11.35 13.23 -3.54
N VAL A 189 -10.51 13.38 -4.55
CA VAL A 189 -10.90 14.00 -5.81
C VAL A 189 -10.74 13.05 -6.98
N THR A 190 -11.44 13.33 -8.08
CA THR A 190 -11.37 12.49 -9.27
C THR A 190 -10.22 12.94 -10.17
N SER B 3 14.08 13.59 -11.57
CA SER B 3 13.68 15.01 -11.77
C SER B 3 12.17 15.12 -11.98
N MET B 4 11.62 16.30 -11.68
CA MET B 4 10.20 16.61 -11.77
C MET B 4 9.91 17.72 -12.80
N GLU B 5 8.69 17.77 -13.33
CA GLU B 5 8.33 18.79 -14.34
C GLU B 5 7.76 20.09 -13.78
N LEU B 6 8.23 21.20 -14.33
CA LEU B 6 7.76 22.52 -13.90
C LEU B 6 7.24 23.38 -15.04
N LEU B 7 6.00 23.85 -14.91
CA LEU B 7 5.43 24.72 -15.92
C LEU B 7 4.94 26.03 -15.32
N ILE B 8 5.60 27.13 -15.63
CA ILE B 8 5.20 28.44 -15.13
C ILE B 8 4.45 29.24 -16.21
N ILE B 9 3.21 29.60 -15.91
CA ILE B 9 2.40 30.37 -16.83
C ILE B 9 2.35 31.81 -16.32
N LYS B 10 3.31 32.62 -16.76
CA LYS B 10 3.44 34.01 -16.33
C LYS B 10 2.45 35.00 -16.94
N GLU B 11 2.49 35.09 -18.26
CA GLU B 11 1.66 36.01 -19.00
C GLU B 11 0.19 35.63 -19.14
N ARG B 12 -0.13 34.44 -19.63
CA ARG B 12 -1.55 34.10 -19.74
C ARG B 12 -2.15 33.90 -18.35
N ARG B 13 -3.39 34.32 -18.17
CA ARG B 13 -4.01 34.16 -16.87
C ARG B 13 -4.96 32.97 -16.85
N ILE B 14 -4.86 32.16 -15.80
CA ILE B 14 -5.76 31.05 -15.67
C ILE B 14 -6.55 31.19 -14.38
N ASP B 15 -7.87 31.22 -14.47
CA ASP B 15 -8.68 31.35 -13.27
C ASP B 15 -8.76 30.01 -12.55
N TYR B 16 -8.99 30.07 -11.24
CA TYR B 16 -9.08 28.87 -10.43
C TYR B 16 -10.45 28.73 -9.83
N ASP B 17 -11.18 27.72 -10.26
CA ASP B 17 -12.52 27.49 -9.75
C ASP B 17 -12.55 26.18 -8.97
N GLY B 18 -11.35 25.62 -8.74
CA GLY B 18 -11.23 24.37 -8.00
C GLY B 18 -11.12 23.11 -8.83
N SER B 19 -11.34 23.20 -10.14
CA SER B 19 -11.27 22.03 -10.99
C SER B 19 -9.83 21.59 -11.26
N ALA B 20 -8.89 22.52 -11.12
CA ALA B 20 -7.47 22.20 -11.35
C ALA B 20 -6.88 21.22 -10.32
N ILE B 21 -7.65 20.91 -9.29
CA ILE B 21 -7.19 20.00 -8.26
C ILE B 21 -7.38 18.54 -8.65
N ARG B 22 -8.14 18.28 -9.71
CA ARG B 22 -8.39 16.92 -10.13
C ARG B 22 -7.20 16.19 -10.76
N SER B 23 -7.25 14.86 -10.79
CA SER B 23 -6.13 14.09 -11.36
C SER B 23 -5.83 14.35 -12.83
N HIS B 24 -4.54 14.27 -13.15
CA HIS B 24 -4.03 14.45 -14.51
C HIS B 24 -4.26 15.83 -15.13
N TRP B 25 -4.77 16.77 -14.34
CA TRP B 25 -5.03 18.12 -14.81
C TRP B 25 -3.87 18.66 -15.65
N ALA B 26 -2.64 18.55 -15.15
CA ALA B 26 -1.49 19.08 -15.88
C ALA B 26 -1.16 18.36 -17.18
N TYR B 27 -1.22 17.03 -17.19
CA TYR B 27 -0.91 16.29 -18.39
C TYR B 27 -2.01 16.50 -19.41
N ARG B 28 -3.23 16.35 -18.92
CA ARG B 28 -4.46 16.49 -19.73
C ARG B 28 -4.57 17.83 -20.46
N ASN B 29 -4.17 18.91 -19.82
CA ASN B 29 -4.25 20.25 -20.39
C ASN B 29 -2.97 20.77 -21.07
N PHE B 30 -1.80 20.36 -20.60
CA PHE B 30 -0.54 20.83 -21.18
C PHE B 30 0.38 19.70 -21.62
N GLY B 31 -0.10 18.46 -21.50
CA GLY B 31 0.74 17.33 -21.87
C GLY B 31 1.95 17.15 -20.97
N ILE B 32 1.91 17.67 -19.75
CA ILE B 32 3.04 17.49 -18.84
C ILE B 32 2.83 16.15 -18.14
N LEU B 33 3.64 15.17 -18.50
CA LEU B 33 3.54 13.82 -17.95
C LEU B 33 4.30 13.55 -16.65
N GLY B 34 3.60 12.97 -15.69
CA GLY B 34 4.23 12.64 -14.41
C GLY B 34 4.25 13.70 -13.33
N ASP B 35 5.07 13.49 -12.29
CA ASP B 35 5.14 14.46 -11.20
C ASP B 35 5.37 15.86 -11.76
N SER B 36 4.52 16.80 -11.36
CA SER B 36 4.63 18.17 -11.88
C SER B 36 4.07 19.25 -10.99
N LEU B 37 4.54 20.47 -11.25
CA LEU B 37 4.07 21.64 -10.54
C LEU B 37 3.76 22.67 -11.62
N VAL B 38 2.51 23.11 -11.64
CA VAL B 38 2.10 24.15 -12.58
C VAL B 38 1.86 25.39 -11.73
N VAL B 39 2.47 26.51 -12.09
CA VAL B 39 2.26 27.74 -11.34
C VAL B 39 1.74 28.81 -12.27
N PHE B 40 0.59 29.37 -11.94
CA PHE B 40 -0.03 30.41 -12.74
C PHE B 40 -0.66 31.50 -11.89
N ARG B 41 -1.27 32.48 -12.55
CA ARG B 41 -1.92 33.60 -11.86
C ARG B 41 -3.36 33.72 -12.36
N GLY B 42 -4.23 34.27 -11.54
CA GLY B 42 -5.60 34.38 -11.97
C GLY B 42 -6.59 34.58 -10.85
N LYS B 43 -7.86 34.62 -11.19
CA LYS B 43 -8.91 34.82 -10.22
C LYS B 43 -9.12 33.54 -9.46
N CYS B 44 -9.88 33.62 -8.38
CA CYS B 44 -10.18 32.47 -7.57
C CYS B 44 -11.64 32.54 -7.16
N ASN B 45 -12.39 31.50 -7.46
CA ASN B 45 -13.79 31.45 -7.10
C ASN B 45 -14.13 29.97 -7.09
N VAL B 46 -13.96 29.34 -5.95
CA VAL B 46 -14.21 27.92 -5.87
C VAL B 46 -15.67 27.53 -5.83
N LYS B 47 -16.06 26.70 -6.78
CA LYS B 47 -17.44 26.22 -6.90
C LYS B 47 -17.71 25.17 -5.83
N VAL B 48 -18.75 25.41 -5.03
CA VAL B 48 -19.14 24.52 -3.94
C VAL B 48 -19.14 23.01 -4.26
N GLU B 49 -19.22 22.67 -5.54
CA GLU B 49 -19.20 21.26 -5.94
C GLU B 49 -17.75 20.80 -6.12
N GLU B 50 -16.83 21.77 -6.15
CA GLU B 50 -15.41 21.53 -6.32
C GLU B 50 -14.56 21.78 -5.05
N MET B 51 -15.23 22.00 -3.92
CA MET B 51 -14.52 22.23 -2.66
C MET B 51 -14.06 20.91 -2.03
N VAL B 52 -12.76 20.86 -1.73
CA VAL B 52 -12.15 19.68 -1.13
C VAL B 52 -12.31 19.65 0.38
N ASP B 53 -12.06 20.81 1.02
CA ASP B 53 -12.16 20.91 2.47
C ASP B 53 -13.61 20.76 2.92
N ILE B 54 -13.94 19.66 3.58
CA ILE B 54 -15.29 19.41 4.06
C ILE B 54 -15.69 20.35 5.19
N GLU B 55 -14.71 20.89 5.91
CA GLU B 55 -15.03 21.81 7.00
C GLU B 55 -15.73 23.01 6.39
N ASP B 56 -15.16 23.54 5.33
CA ASP B 56 -15.76 24.69 4.66
C ASP B 56 -17.14 24.39 4.13
N LEU B 57 -17.38 23.18 3.63
CA LEU B 57 -18.72 22.83 3.15
C LEU B 57 -19.70 22.85 4.32
N ARG B 58 -19.17 22.59 5.52
CA ARG B 58 -19.97 22.58 6.76
C ARG B 58 -20.36 23.99 7.17
N LEU B 59 -19.40 24.91 7.23
CA LEU B 59 -19.65 26.29 7.60
C LEU B 59 -19.90 27.03 6.28
N ARG B 60 -20.07 26.24 5.22
CA ARG B 60 -20.24 26.74 3.86
C ARG B 60 -19.67 28.11 3.71
N LYS B 61 -18.35 28.12 3.69
CA LYS B 61 -17.57 29.32 3.53
C LYS B 61 -17.50 29.60 2.05
N GLU B 62 -16.72 30.64 1.72
CA GLU B 62 -16.51 31.08 0.36
C GLU B 62 -15.00 31.16 0.16
N ILE B 63 -14.53 30.71 -0.99
CA ILE B 63 -13.11 30.78 -1.28
C ILE B 63 -12.91 31.53 -2.60
N LYS B 64 -12.66 32.83 -2.49
CA LYS B 64 -12.45 33.66 -3.68
C LYS B 64 -11.57 34.89 -3.50
N GLY B 65 -11.07 35.40 -4.62
CA GLY B 65 -10.22 36.57 -4.65
C GLY B 65 -10.09 36.90 -6.12
N ASP B 66 -9.72 38.13 -6.47
CA ASP B 66 -9.63 38.50 -7.88
C ASP B 66 -8.26 38.33 -8.52
N ASP B 67 -7.21 38.43 -7.72
CA ASP B 67 -5.85 38.26 -8.23
C ASP B 67 -5.06 37.42 -7.22
N MET B 68 -4.80 36.16 -7.60
CA MET B 68 -4.11 35.21 -6.74
C MET B 68 -3.09 34.39 -7.56
N VAL B 69 -1.97 34.05 -6.94
CA VAL B 69 -0.95 33.22 -7.59
C VAL B 69 -1.30 31.78 -7.19
N HIS B 70 -1.49 30.90 -8.17
CA HIS B 70 -1.88 29.53 -7.89
C HIS B 70 -0.80 28.51 -8.13
N TYR B 71 -0.82 27.46 -7.31
CA TYR B 71 0.13 26.37 -7.44
C TYR B 71 -0.64 25.08 -7.45
N ILE B 72 -0.46 24.33 -8.51
CA ILE B 72 -1.11 23.04 -8.65
C ILE B 72 -0.02 22.01 -8.76
N LEU B 73 0.01 21.12 -7.76
CA LEU B 73 0.99 20.07 -7.68
C LEU B 73 0.37 18.70 -7.79
N GLU B 74 0.95 17.84 -8.61
CA GLU B 74 0.45 16.48 -8.72
C GLU B 74 1.63 15.53 -8.62
N LEU B 75 1.53 14.58 -7.71
CA LEU B 75 2.58 13.60 -7.52
C LEU B 75 1.98 12.21 -7.64
N PHE B 76 2.55 11.40 -8.53
CA PHE B 76 2.07 10.05 -8.71
C PHE B 76 2.82 9.12 -7.75
N TRP B 77 2.66 9.37 -6.45
CA TRP B 77 3.26 8.57 -5.38
C TRP B 77 2.06 7.84 -4.82
N HIS B 78 2.26 7.00 -3.81
CA HIS B 78 1.15 6.28 -3.21
C HIS B 78 0.14 7.31 -2.74
N PRO B 79 -1.12 7.19 -3.18
CA PRO B 79 -2.20 8.11 -2.79
C PRO B 79 -2.53 8.06 -1.31
N ASP B 80 -1.60 8.54 -0.48
CA ASP B 80 -1.80 8.52 0.96
C ASP B 80 -2.13 9.93 1.47
N ILE B 81 -3.26 10.07 2.15
CA ILE B 81 -3.65 11.37 2.69
C ILE B 81 -2.63 11.93 3.69
N LEU B 82 -1.99 11.06 4.48
CA LEU B 82 -1.00 11.54 5.45
C LEU B 82 0.19 12.16 4.71
N LEU B 83 0.58 11.54 3.60
CA LEU B 83 1.68 12.04 2.80
C LEU B 83 1.31 13.35 2.11
N ALA B 84 0.08 13.42 1.62
CA ALA B 84 -0.36 14.65 0.96
C ALA B 84 -0.36 15.77 1.97
N SER B 85 -0.83 15.46 3.17
CA SER B 85 -0.90 16.47 4.23
C SER B 85 0.47 16.94 4.71
N SER B 86 1.41 16.02 4.94
CA SER B 86 2.72 16.43 5.40
C SER B 86 3.51 17.19 4.33
N LEU B 87 3.49 16.67 3.11
CA LEU B 87 4.19 17.30 1.99
C LEU B 87 3.65 18.71 1.79
N GLN B 88 2.35 18.85 1.94
CA GLN B 88 1.71 20.14 1.80
C GLN B 88 2.30 21.13 2.76
N LYS B 89 2.25 20.78 4.04
CA LYS B 89 2.76 21.69 5.03
C LYS B 89 4.26 22.00 4.89
N LEU B 90 5.04 21.05 4.39
CA LEU B 90 6.48 21.30 4.20
C LEU B 90 6.61 22.38 3.10
N LEU B 91 5.79 22.28 2.05
CA LEU B 91 5.84 23.26 0.97
C LEU B 91 5.45 24.65 1.48
N ILE B 92 4.34 24.75 2.21
CA ILE B 92 3.92 26.03 2.77
C ILE B 92 5.08 26.58 3.60
N ALA B 93 5.75 25.70 4.34
CA ALA B 93 6.88 26.10 5.17
C ALA B 93 8.04 26.61 4.33
N ARG B 94 8.27 26.00 3.17
CA ARG B 94 9.36 26.46 2.31
C ARG B 94 9.07 27.85 1.77
N LEU B 95 7.79 28.13 1.52
CA LEU B 95 7.39 29.43 1.02
C LEU B 95 7.60 30.49 2.12
N VAL B 96 7.34 30.12 3.36
CA VAL B 96 7.54 31.04 4.48
C VAL B 96 9.03 31.37 4.60
N GLU B 97 9.87 30.36 4.47
CA GLU B 97 11.32 30.57 4.57
C GLU B 97 11.78 31.45 3.43
N LEU B 98 11.10 31.33 2.29
CA LEU B 98 11.43 32.12 1.11
C LEU B 98 11.10 33.58 1.36
N LEU B 99 9.91 33.81 1.93
CA LEU B 99 9.47 35.15 2.21
C LEU B 99 10.49 35.91 3.08
N TRP B 100 11.15 35.20 4.00
CA TRP B 100 12.14 35.85 4.85
C TRP B 100 13.23 36.46 3.97
N ASN B 101 13.58 35.80 2.86
CA ASN B 101 14.60 36.32 1.96
C ASN B 101 14.15 37.63 1.33
N TYR B 102 12.85 37.89 1.34
CA TYR B 102 12.33 39.14 0.78
C TYR B 102 12.14 40.18 1.89
N GLY B 103 12.65 39.88 3.08
CA GLY B 103 12.52 40.81 4.20
C GLY B 103 11.12 40.82 4.78
N ILE B 104 10.38 39.73 4.60
CA ILE B 104 9.02 39.64 5.12
C ILE B 104 9.00 38.84 6.41
N GLU B 105 8.23 39.33 7.38
CA GLU B 105 8.11 38.63 8.65
C GLU B 105 6.92 37.69 8.51
N ALA B 106 7.15 36.57 7.85
CA ALA B 106 6.11 35.58 7.63
C ALA B 106 6.18 34.44 8.64
N SER B 107 5.02 33.99 9.07
CA SER B 107 4.95 32.89 10.03
C SER B 107 3.96 31.90 9.46
N ARG B 108 4.06 30.66 9.92
CA ARG B 108 3.16 29.60 9.48
C ARG B 108 2.21 29.17 10.60
N ARG B 109 1.00 28.79 10.22
CA ARG B 109 -0.02 28.29 11.15
C ARG B 109 -0.65 27.13 10.42
N GLY B 110 -0.04 25.96 10.55
CA GLY B 110 -0.51 24.77 9.87
C GLY B 110 -0.20 24.87 8.39
N ASP B 111 -1.23 25.09 7.59
CA ASP B 111 -1.05 25.21 6.16
C ASP B 111 -1.23 26.65 5.70
N ASP B 112 -1.43 27.57 6.63
CA ASP B 112 -1.62 28.97 6.26
C ASP B 112 -0.43 29.89 6.55
N ILE B 113 -0.18 30.80 5.63
CA ILE B 113 0.89 31.78 5.81
C ILE B 113 0.29 33.08 6.32
N TYR B 114 0.88 33.64 7.37
CA TYR B 114 0.43 34.92 7.92
C TYR B 114 1.54 35.95 7.96
N VAL B 115 1.12 37.22 7.91
CA VAL B 115 2.04 38.36 8.00
C VAL B 115 1.20 39.47 8.66
N ASN B 116 1.73 40.04 9.74
CA ASN B 116 1.01 41.10 10.46
C ASN B 116 -0.34 40.59 10.96
N GLY B 117 -0.42 39.31 11.27
CA GLY B 117 -1.66 38.75 11.76
C GLY B 117 -2.74 38.61 10.71
N ARG B 118 -2.36 38.78 9.44
CA ARG B 118 -3.31 38.63 8.33
C ARG B 118 -2.92 37.43 7.46
N LYS B 119 -3.93 36.70 6.98
CA LYS B 119 -3.70 35.52 6.15
C LYS B 119 -3.36 35.85 4.69
N LEU B 120 -2.18 35.41 4.26
CA LEU B 120 -1.72 35.64 2.91
C LEU B 120 -2.13 34.54 1.93
N SER B 121 -2.51 33.38 2.46
CA SER B 121 -2.82 32.26 1.57
C SER B 121 -3.96 31.32 1.93
N ILE B 122 -4.18 30.36 1.02
CA ILE B 122 -5.16 29.29 1.19
C ILE B 122 -4.46 28.05 0.62
N SER B 123 -4.87 26.88 1.05
CA SER B 123 -4.24 25.67 0.55
C SER B 123 -5.08 24.45 0.85
N ILE B 124 -4.77 23.35 0.18
CA ILE B 124 -5.51 22.14 0.41
C ILE B 124 -4.64 21.01 -0.14
N ALA B 125 -4.78 19.83 0.44
CA ALA B 125 -4.01 18.69 0.02
C ALA B 125 -4.95 17.50 0.09
N THR B 126 -4.96 16.69 -0.96
CA THR B 126 -5.82 15.54 -0.97
C THR B 126 -5.27 14.52 -1.93
N VAL B 127 -6.04 13.48 -2.19
CA VAL B 127 -5.60 12.44 -3.11
C VAL B 127 -6.71 12.02 -4.07
N SER B 128 -6.27 11.45 -5.19
CA SER B 128 -7.17 10.91 -6.22
C SER B 128 -6.87 9.42 -6.18
N PRO B 129 -7.62 8.60 -6.90
CA PRO B 129 -7.30 7.17 -6.85
C PRO B 129 -5.89 6.83 -7.37
N VAL B 130 -5.26 7.78 -8.07
CA VAL B 130 -3.94 7.51 -8.64
C VAL B 130 -2.88 8.54 -8.37
N SER B 131 -3.16 9.51 -7.51
CA SER B 131 -2.17 10.54 -7.27
C SER B 131 -2.43 11.43 -6.07
N ILE B 132 -1.43 12.24 -5.77
CA ILE B 132 -1.53 13.21 -4.70
C ILE B 132 -1.72 14.57 -5.36
N LYS B 133 -2.58 15.41 -4.81
CA LYS B 133 -2.81 16.72 -5.39
C LYS B 133 -2.90 17.81 -4.35
N ILE B 134 -2.10 18.84 -4.56
CA ILE B 134 -2.06 19.96 -3.64
C ILE B 134 -2.25 21.28 -4.35
N HIS B 135 -2.95 22.21 -3.69
CA HIS B 135 -3.12 23.53 -4.25
C HIS B 135 -2.73 24.56 -3.21
N ILE B 136 -1.91 25.51 -3.61
CA ILE B 136 -1.49 26.59 -2.73
C ILE B 136 -1.85 27.88 -3.44
N GLY B 137 -2.57 28.76 -2.76
CA GLY B 137 -2.94 30.03 -3.34
C GLY B 137 -2.43 31.22 -2.54
N LEU B 138 -1.77 32.16 -3.19
CA LEU B 138 -1.26 33.35 -2.52
C LEU B 138 -1.98 34.59 -3.07
N ASN B 139 -2.49 35.44 -2.19
CA ASN B 139 -3.17 36.66 -2.62
C ASN B 139 -2.14 37.62 -3.22
N VAL B 140 -2.47 38.20 -4.36
CA VAL B 140 -1.60 39.18 -4.98
C VAL B 140 -2.17 40.50 -4.49
N LYS B 141 -3.49 40.60 -4.60
CA LYS B 141 -4.24 41.77 -4.18
C LYS B 141 -5.33 41.24 -3.24
N THR B 142 -5.87 42.13 -2.42
CA THR B 142 -6.89 41.74 -1.45
C THR B 142 -8.32 41.99 -1.92
N VAL B 143 -8.48 42.47 -3.16
CA VAL B 143 -9.82 42.73 -3.68
C VAL B 143 -10.51 41.41 -4.01
N GLY B 144 -11.83 41.41 -3.91
CA GLY B 144 -12.58 40.19 -4.19
C GLY B 144 -12.57 39.20 -3.04
N VAL B 145 -11.57 39.29 -2.16
CA VAL B 145 -11.48 38.42 -1.01
C VAL B 145 -12.68 38.61 -0.09
N PRO B 146 -13.23 37.51 0.47
CA PRO B 146 -14.41 37.54 1.38
C PRO B 146 -14.12 38.00 2.83
N PRO B 147 -14.93 38.93 3.39
CA PRO B 147 -14.68 39.37 4.78
C PRO B 147 -14.92 38.30 5.93
N GLY B 148 -14.16 38.38 7.02
CA GLY B 148 -14.25 37.44 8.16
C GLY B 148 -12.82 37.60 8.64
N VAL B 149 -11.95 36.66 8.23
CA VAL B 149 -10.54 36.78 8.55
C VAL B 149 -9.87 37.82 7.62
N ASP B 150 -9.10 38.70 8.24
CA ASP B 150 -8.38 39.76 7.52
C ASP B 150 -7.29 39.15 6.62
N ALA B 151 -7.21 39.60 5.36
CA ALA B 151 -6.23 39.09 4.40
C ALA B 151 -5.14 40.11 4.04
N ILE B 152 -4.15 39.66 3.27
CA ILE B 152 -3.05 40.49 2.82
C ILE B 152 -2.51 39.90 1.53
N GLY B 153 -1.91 40.73 0.69
CA GLY B 153 -1.38 40.25 -0.58
C GLY B 153 0.07 40.58 -0.88
N LEU B 154 0.59 39.96 -1.94
CA LEU B 154 1.98 40.17 -2.35
C LEU B 154 2.26 41.61 -2.75
N GLU B 155 1.26 42.27 -3.32
CA GLU B 155 1.41 43.65 -3.75
C GLU B 155 1.70 44.51 -2.54
N GLU B 156 0.82 44.43 -1.55
CA GLU B 156 1.04 45.20 -0.33
C GLU B 156 2.41 44.90 0.28
N LEU B 157 2.90 43.67 0.10
CA LEU B 157 4.19 43.28 0.66
C LEU B 157 5.34 43.84 -0.17
N GLY B 158 4.99 44.43 -1.30
CA GLY B 158 5.99 45.01 -2.19
C GLY B 158 6.77 43.97 -2.94
N ILE B 159 6.13 42.83 -3.23
CA ILE B 159 6.76 41.73 -3.96
C ILE B 159 6.20 41.60 -5.38
N ASP B 160 7.08 41.50 -6.37
CA ASP B 160 6.63 41.35 -7.76
C ASP B 160 6.13 39.91 -7.94
N PRO B 161 4.83 39.73 -8.26
CA PRO B 161 4.22 38.41 -8.44
C PRO B 161 4.95 37.46 -9.40
N THR B 162 5.20 37.95 -10.61
CA THR B 162 5.87 37.20 -11.65
C THR B 162 7.24 36.70 -11.21
N GLU B 163 8.03 37.59 -10.60
CA GLU B 163 9.36 37.21 -10.16
C GLU B 163 9.29 36.23 -8.96
N PHE B 164 8.29 36.40 -8.09
CA PHE B 164 8.11 35.52 -6.93
C PHE B 164 7.75 34.14 -7.46
N MET B 165 6.86 34.13 -8.45
CA MET B 165 6.41 32.91 -9.13
C MET B 165 7.63 32.12 -9.61
N GLU B 166 8.56 32.81 -10.26
CA GLU B 166 9.76 32.16 -10.77
C GLU B 166 10.65 31.60 -9.65
N ARG B 167 10.91 32.43 -8.64
CA ARG B 167 11.76 32.02 -7.53
C ARG B 167 11.09 30.97 -6.64
N SER B 168 9.81 31.16 -6.35
CA SER B 168 9.08 30.23 -5.49
C SER B 168 8.90 28.85 -6.12
N ALA B 169 8.56 28.82 -7.40
CA ALA B 169 8.36 27.55 -8.12
C ALA B 169 9.65 26.72 -8.07
N LYS B 170 10.77 27.39 -8.26
CA LYS B 170 12.08 26.76 -8.24
C LYS B 170 12.39 26.18 -6.84
N ALA B 171 12.09 26.94 -5.80
CA ALA B 171 12.34 26.49 -4.44
C ALA B 171 11.46 25.29 -4.07
N LEU B 172 10.24 25.26 -4.60
CA LEU B 172 9.32 24.16 -4.31
C LEU B 172 9.77 22.89 -5.01
N VAL B 173 10.21 23.02 -6.25
CA VAL B 173 10.66 21.86 -6.99
C VAL B 173 11.90 21.30 -6.32
N GLU B 174 12.79 22.20 -5.89
CA GLU B 174 14.00 21.79 -5.22
C GLU B 174 13.65 21.06 -3.92
N GLU B 175 12.60 21.52 -3.25
CA GLU B 175 12.16 20.91 -1.99
C GLU B 175 11.72 19.47 -2.22
N ILE B 176 10.89 19.28 -3.23
CA ILE B 176 10.38 17.96 -3.55
C ILE B 176 11.50 17.02 -4.01
N GLU B 177 12.46 17.54 -4.75
CA GLU B 177 13.56 16.70 -5.23
C GLU B 177 14.46 16.23 -4.11
N LYS B 178 14.62 17.05 -3.07
CA LYS B 178 15.45 16.64 -1.93
C LYS B 178 14.66 15.62 -1.10
N VAL B 179 13.33 15.78 -1.06
CA VAL B 179 12.50 14.83 -0.31
C VAL B 179 12.73 13.46 -0.92
N ARG B 180 12.68 13.42 -2.25
CA ARG B 180 12.86 12.18 -2.99
C ARG B 180 14.27 11.57 -2.81
N LYS B 181 15.31 12.36 -3.02
CA LYS B 181 16.68 11.86 -2.90
C LYS B 181 17.05 11.37 -1.49
N ASP B 182 16.54 12.06 -0.47
CA ASP B 182 16.81 11.65 0.91
C ASP B 182 16.14 10.31 1.15
N SER B 183 15.00 10.09 0.49
CA SER B 183 14.24 8.87 0.67
C SER B 183 14.89 7.66 0.02
N LEU B 184 15.90 7.89 -0.83
CA LEU B 184 16.56 6.79 -1.52
C LEU B 184 17.95 6.46 -0.99
N LYS B 185 18.45 7.26 -0.05
CA LYS B 185 19.81 7.04 0.47
C LYS B 185 19.88 6.36 1.83
N VAL B 186 18.73 6.02 2.37
CA VAL B 186 18.70 5.40 3.68
C VAL B 186 18.33 3.93 3.66
N ARG B 187 19.00 3.15 4.49
CA ARG B 187 18.69 1.74 4.55
C ARG B 187 17.51 1.64 5.51
N TRP B 188 16.74 0.57 5.40
CA TRP B 188 15.61 0.38 6.28
C TRP B 188 16.17 -0.18 7.58
N VAL B 189 15.40 -0.13 8.65
CA VAL B 189 15.87 -0.61 9.95
C VAL B 189 14.94 -1.66 10.55
N THR B 190 15.48 -2.54 11.38
CA THR B 190 14.66 -3.55 12.03
C THR B 190 13.82 -2.98 13.19
N SER C 3 -8.90 -20.56 -3.82
CA SER C 3 -9.02 -21.42 -2.61
C SER C 3 -7.88 -21.17 -1.61
N MET C 4 -7.58 -22.16 -0.76
CA MET C 4 -6.53 -22.04 0.24
C MET C 4 -5.98 -23.44 0.62
N GLU C 5 -4.68 -23.53 0.91
CA GLU C 5 -4.09 -24.82 1.24
C GLU C 5 -4.26 -25.19 2.71
N LEU C 6 -4.60 -26.44 2.97
CA LEU C 6 -4.80 -26.88 4.33
C LEU C 6 -4.02 -28.14 4.55
N LEU C 7 -3.34 -28.19 5.69
CA LEU C 7 -2.55 -29.36 6.07
C LEU C 7 -2.73 -29.63 7.55
N ILE C 8 -3.27 -30.81 7.86
CA ILE C 8 -3.48 -31.23 9.24
C ILE C 8 -2.53 -32.40 9.50
N ILE C 9 -1.57 -32.21 10.41
CA ILE C 9 -0.63 -33.28 10.74
C ILE C 9 -1.17 -34.09 11.92
N LYS C 10 -1.76 -35.25 11.60
CA LYS C 10 -2.39 -36.13 12.59
C LYS C 10 -1.55 -37.18 13.32
N GLU C 11 -0.56 -37.76 12.64
CA GLU C 11 0.24 -38.80 13.26
C GLU C 11 1.52 -38.34 13.92
N ARG C 12 2.30 -37.54 13.21
CA ARG C 12 3.54 -37.06 13.79
C ARG C 12 3.25 -35.91 14.74
N ARG C 13 4.16 -35.66 15.66
CA ARG C 13 3.99 -34.52 16.56
C ARG C 13 5.03 -33.50 16.11
N ILE C 14 4.69 -32.22 16.28
CA ILE C 14 5.55 -31.11 15.91
C ILE C 14 5.51 -30.12 17.07
N ASP C 15 6.66 -29.78 17.62
CA ASP C 15 6.68 -28.85 18.72
C ASP C 15 6.78 -27.42 18.21
N TYR C 16 6.15 -26.51 18.94
CA TYR C 16 6.16 -25.12 18.58
C TYR C 16 7.08 -24.35 19.52
N ASP C 17 8.21 -23.88 18.99
CA ASP C 17 9.16 -23.11 19.79
C ASP C 17 9.07 -21.64 19.35
N GLY C 18 8.05 -21.35 18.54
CA GLY C 18 7.85 -19.99 18.07
C GLY C 18 8.36 -19.65 16.68
N SER C 19 9.23 -20.48 16.12
CA SER C 19 9.82 -20.26 14.79
C SER C 19 8.85 -20.54 13.63
N ALA C 20 7.76 -21.26 13.89
CA ALA C 20 6.77 -21.58 12.86
C ALA C 20 6.06 -20.30 12.44
N ILE C 21 6.27 -19.24 13.21
CA ILE C 21 5.66 -17.97 12.91
C ILE C 21 6.40 -17.25 11.77
N ARG C 22 7.62 -17.68 11.46
CA ARG C 22 8.37 -17.02 10.40
C ARG C 22 7.74 -17.20 9.02
N SER C 23 8.07 -16.29 8.11
CA SER C 23 7.53 -16.30 6.77
C SER C 23 7.99 -17.52 6.00
N HIS C 24 7.13 -17.98 5.10
CA HIS C 24 7.35 -19.15 4.26
C HIS C 24 7.57 -20.44 5.00
N TRP C 25 7.18 -20.49 6.27
CA TRP C 25 7.37 -21.71 7.04
C TRP C 25 6.69 -22.94 6.41
N ALA C 26 5.43 -22.78 5.96
CA ALA C 26 4.73 -23.92 5.37
C ALA C 26 5.33 -24.32 4.03
N TYR C 27 5.74 -23.32 3.25
CA TYR C 27 6.32 -23.65 1.97
C TYR C 27 7.70 -24.29 2.14
N ARG C 28 8.54 -23.68 2.99
CA ARG C 28 9.89 -24.22 3.23
C ARG C 28 9.83 -25.67 3.74
N ASN C 29 8.95 -25.92 4.70
CA ASN C 29 8.85 -27.24 5.29
C ASN C 29 8.01 -28.31 4.56
N PHE C 30 6.93 -27.93 3.91
CA PHE C 30 6.10 -28.95 3.26
C PHE C 30 5.82 -28.71 1.79
N GLY C 31 6.32 -27.59 1.27
CA GLY C 31 6.10 -27.28 -0.13
C GLY C 31 4.72 -26.74 -0.42
N ILE C 32 3.97 -26.34 0.61
CA ILE C 32 2.62 -25.79 0.44
C ILE C 32 2.79 -24.34 0.01
N LEU C 33 2.35 -24.04 -1.22
CA LEU C 33 2.47 -22.71 -1.81
C LEU C 33 1.29 -21.78 -1.62
N GLY C 34 1.59 -20.55 -1.23
CA GLY C 34 0.55 -19.55 -1.02
C GLY C 34 -0.17 -19.60 0.31
N ASP C 35 -1.30 -18.92 0.39
CA ASP C 35 -2.13 -18.87 1.59
C ASP C 35 -2.32 -20.29 2.12
N SER C 36 -1.95 -20.51 3.38
CA SER C 36 -2.08 -21.83 3.96
C SER C 36 -2.36 -21.86 5.47
N LEU C 37 -2.96 -22.94 5.91
CA LEU C 37 -3.23 -23.16 7.32
C LEU C 37 -2.65 -24.52 7.63
N VAL C 38 -1.77 -24.59 8.61
CA VAL C 38 -1.18 -25.87 9.00
C VAL C 38 -1.59 -26.14 10.43
N VAL C 39 -2.21 -27.28 10.65
CA VAL C 39 -2.65 -27.62 11.99
C VAL C 39 -1.91 -28.87 12.48
N PHE C 40 -1.35 -28.77 13.68
CA PHE C 40 -0.60 -29.87 14.27
C PHE C 40 -0.65 -29.86 15.78
N ARG C 41 -0.09 -30.92 16.37
CA ARG C 41 -0.10 -31.07 17.82
C ARG C 41 1.29 -31.39 18.34
N GLY C 42 1.63 -30.84 19.49
CA GLY C 42 2.93 -31.09 20.09
C GLY C 42 3.19 -30.19 21.28
N LYS C 43 4.42 -30.18 21.77
CA LYS C 43 4.76 -29.34 22.91
C LYS C 43 4.72 -27.90 22.51
N CYS C 44 4.96 -27.03 23.49
CA CYS C 44 4.99 -25.61 23.26
C CYS C 44 5.95 -24.98 24.26
N ASN C 45 7.01 -24.38 23.76
CA ASN C 45 7.98 -23.69 24.60
C ASN C 45 8.65 -22.66 23.71
N VAL C 46 8.08 -21.45 23.75
CA VAL C 46 8.56 -20.36 22.93
C VAL C 46 9.87 -19.76 23.38
N LYS C 47 10.87 -19.84 22.51
CA LYS C 47 12.18 -19.29 22.80
C LYS C 47 12.12 -17.77 22.75
N VAL C 48 12.68 -17.13 23.77
CA VAL C 48 12.72 -15.67 23.90
C VAL C 48 13.02 -14.97 22.58
N GLU C 49 13.94 -15.55 21.82
CA GLU C 49 14.35 -15.01 20.53
C GLU C 49 13.22 -15.10 19.49
N GLU C 50 12.21 -15.92 19.77
CA GLU C 50 11.10 -16.10 18.83
C GLU C 50 9.79 -15.43 19.27
N MET C 51 9.81 -14.83 20.46
CA MET C 51 8.62 -14.17 21.00
C MET C 51 8.19 -12.94 20.21
N VAL C 52 6.92 -12.90 19.80
CA VAL C 52 6.39 -11.78 19.01
C VAL C 52 5.77 -10.66 19.86
N ASP C 53 5.07 -11.04 20.93
CA ASP C 53 4.45 -10.05 21.78
C ASP C 53 5.55 -9.36 22.60
N ILE C 54 5.79 -8.09 22.29
CA ILE C 54 6.83 -7.33 22.99
C ILE C 54 6.50 -7.19 24.47
N GLU C 55 5.22 -7.11 24.80
CA GLU C 55 4.83 -7.02 26.20
C GLU C 55 5.46 -8.22 26.92
N ASP C 56 5.18 -9.42 26.39
CA ASP C 56 5.70 -10.66 26.96
C ASP C 56 7.19 -10.67 27.20
N LEU C 57 7.94 -9.90 26.42
CA LEU C 57 9.38 -9.82 26.61
C LEU C 57 9.64 -8.90 27.79
N ARG C 58 8.91 -7.78 27.81
CA ARG C 58 9.03 -6.78 28.86
C ARG C 58 8.77 -7.42 30.21
N LEU C 59 7.71 -8.22 30.28
CA LEU C 59 7.35 -8.89 31.52
C LEU C 59 8.08 -10.21 31.75
N ARG C 60 9.07 -10.51 30.93
CA ARG C 60 9.85 -11.75 31.07
C ARG C 60 9.02 -13.04 31.10
N LYS C 61 7.73 -12.94 30.78
CA LYS C 61 6.81 -14.07 30.77
C LYS C 61 7.25 -15.31 29.98
N GLU C 62 6.72 -16.45 30.42
CA GLU C 62 6.99 -17.77 29.83
C GLU C 62 5.78 -18.21 28.99
N ILE C 63 6.00 -18.94 27.92
CA ILE C 63 4.88 -19.40 27.09
C ILE C 63 5.27 -20.83 26.77
N LYS C 64 4.69 -21.75 27.53
CA LYS C 64 4.97 -23.15 27.39
C LYS C 64 3.78 -24.03 27.76
N GLY C 65 3.75 -25.23 27.18
CA GLY C 65 2.70 -26.20 27.42
C GLY C 65 3.26 -27.52 26.94
N ASP C 66 2.91 -28.62 27.59
CA ASP C 66 3.44 -29.90 27.19
C ASP C 66 2.68 -30.52 26.03
N ASP C 67 1.38 -30.27 25.95
CA ASP C 67 0.56 -30.82 24.88
C ASP C 67 -0.42 -29.73 24.42
N MET C 68 -0.26 -29.28 23.18
CA MET C 68 -1.09 -28.22 22.61
C MET C 68 -1.40 -28.45 21.13
N VAL C 69 -2.58 -28.02 20.69
CA VAL C 69 -2.95 -28.12 19.28
C VAL C 69 -2.51 -26.79 18.67
N HIS C 70 -1.82 -26.83 17.55
CA HIS C 70 -1.33 -25.61 16.96
C HIS C 70 -1.92 -25.27 15.59
N TYR C 71 -2.12 -23.98 15.36
CA TYR C 71 -2.61 -23.50 14.08
C TYR C 71 -1.61 -22.44 13.61
N ILE C 72 -0.99 -22.67 12.46
CA ILE C 72 -0.06 -21.70 11.89
C ILE C 72 -0.63 -21.24 10.55
N LEU C 73 -0.98 -19.96 10.50
CA LEU C 73 -1.58 -19.41 9.30
C LEU C 73 -0.70 -18.39 8.58
N GLU C 74 -0.60 -18.52 7.27
CA GLU C 74 0.14 -17.56 6.49
C GLU C 74 -0.73 -17.09 5.33
N LEU C 75 -0.91 -15.78 5.23
CA LEU C 75 -1.68 -15.18 4.15
C LEU C 75 -0.78 -14.22 3.39
N PHE C 76 -0.73 -14.41 2.09
CA PHE C 76 0.07 -13.56 1.24
C PHE C 76 -0.80 -12.43 0.70
N TRP C 77 -1.26 -11.61 1.63
CA TRP C 77 -2.10 -10.44 1.39
C TRP C 77 -1.23 -9.25 1.73
N HIS C 78 -1.77 -8.04 1.69
CA HIS C 78 -0.96 -6.87 2.02
C HIS C 78 -0.54 -7.00 3.49
N PRO C 79 0.76 -6.90 3.77
CA PRO C 79 1.27 -7.02 5.14
C PRO C 79 0.89 -5.91 6.11
N ASP C 80 -0.42 -5.76 6.36
CA ASP C 80 -0.93 -4.73 7.25
C ASP C 80 -1.18 -5.32 8.63
N ILE C 81 -0.60 -4.71 9.66
CA ILE C 81 -0.78 -5.19 11.02
C ILE C 81 -2.24 -5.17 11.52
N LEU C 82 -3.03 -4.23 11.01
CA LEU C 82 -4.44 -4.10 11.39
C LEU C 82 -5.25 -5.24 10.78
N LEU C 83 -4.85 -5.66 9.59
CA LEU C 83 -5.56 -6.76 8.94
C LEU C 83 -5.22 -8.03 9.71
N ALA C 84 -3.93 -8.20 10.00
CA ALA C 84 -3.46 -9.36 10.76
C ALA C 84 -4.24 -9.48 12.07
N SER C 85 -4.39 -8.34 12.75
CA SER C 85 -5.06 -8.27 14.04
C SER C 85 -6.55 -8.62 13.96
N SER C 86 -7.24 -8.05 12.98
CA SER C 86 -8.67 -8.27 12.77
C SER C 86 -8.94 -9.74 12.50
N LEU C 87 -8.23 -10.25 11.51
CA LEU C 87 -8.34 -11.62 11.08
C LEU C 87 -8.14 -12.56 12.27
N GLN C 88 -7.10 -12.29 13.05
CA GLN C 88 -6.80 -13.12 14.21
C GLN C 88 -7.98 -13.27 15.17
N LYS C 89 -8.62 -12.16 15.52
CA LYS C 89 -9.74 -12.23 16.44
C LYS C 89 -10.98 -12.84 15.79
N LEU C 90 -11.19 -12.60 14.49
CA LEU C 90 -12.34 -13.22 13.82
C LEU C 90 -12.16 -14.74 13.88
N LEU C 91 -10.92 -15.20 13.69
CA LEU C 91 -10.66 -16.63 13.72
C LEU C 91 -10.90 -17.20 15.11
N ILE C 92 -10.45 -16.51 16.14
CA ILE C 92 -10.65 -16.95 17.51
C ILE C 92 -12.14 -17.02 17.79
N ALA C 93 -12.86 -16.01 17.29
CA ALA C 93 -14.30 -15.94 17.48
C ALA C 93 -14.97 -17.15 16.85
N ARG C 94 -14.43 -17.60 15.71
CA ARG C 94 -15.00 -18.74 15.03
C ARG C 94 -14.78 -20.01 15.84
N LEU C 95 -13.62 -20.11 16.48
CA LEU C 95 -13.31 -21.27 17.31
C LEU C 95 -14.26 -21.31 18.51
N VAL C 96 -14.58 -20.14 19.06
CA VAL C 96 -15.51 -20.05 20.18
C VAL C 96 -16.91 -20.52 19.75
N GLU C 97 -17.39 -20.02 18.61
CA GLU C 97 -18.70 -20.41 18.08
C GLU C 97 -18.69 -21.91 17.79
N LEU C 98 -17.52 -22.46 17.46
CA LEU C 98 -17.43 -23.89 17.19
C LEU C 98 -17.50 -24.66 18.49
N LEU C 99 -16.95 -24.09 19.56
CA LEU C 99 -17.00 -24.77 20.85
C LEU C 99 -18.43 -24.86 21.37
N TRP C 100 -19.33 -23.99 20.90
CA TRP C 100 -20.72 -24.04 21.37
C TRP C 100 -21.40 -25.29 20.78
N ASN C 101 -20.97 -25.65 19.57
CA ASN C 101 -21.51 -26.82 18.89
C ASN C 101 -21.05 -28.10 19.58
N TYR C 102 -20.14 -27.94 20.54
CA TYR C 102 -19.63 -29.09 21.30
C TYR C 102 -20.25 -29.14 22.70
N GLY C 103 -21.14 -28.20 22.97
CA GLY C 103 -21.80 -28.15 24.26
C GLY C 103 -20.97 -27.40 25.30
N ILE C 104 -20.01 -26.61 24.83
CA ILE C 104 -19.13 -25.84 25.71
C ILE C 104 -19.47 -24.37 25.71
N GLU C 105 -19.60 -23.81 26.91
CA GLU C 105 -19.89 -22.38 27.04
C GLU C 105 -18.55 -21.65 27.04
N ALA C 106 -18.01 -21.40 25.86
CA ALA C 106 -16.74 -20.71 25.76
C ALA C 106 -17.07 -19.28 25.48
N SER C 107 -16.14 -18.41 25.81
CA SER C 107 -16.31 -16.99 25.56
C SER C 107 -14.96 -16.43 25.12
N ARG C 108 -15.01 -15.28 24.47
CA ARG C 108 -13.81 -14.64 23.97
C ARG C 108 -13.47 -13.37 24.73
N ARG C 109 -12.18 -13.19 25.03
CA ARG C 109 -11.73 -11.98 25.69
C ARG C 109 -10.63 -11.46 24.76
N GLY C 110 -11.07 -10.77 23.72
CA GLY C 110 -10.14 -10.25 22.73
C GLY C 110 -9.70 -11.39 21.82
N ASP C 111 -8.49 -11.88 22.05
CA ASP C 111 -7.94 -12.97 21.25
C ASP C 111 -7.76 -14.23 22.08
N ASP C 112 -8.18 -14.19 23.34
CA ASP C 112 -8.06 -15.35 24.22
C ASP C 112 -9.40 -16.06 24.41
N ILE C 113 -9.35 -17.39 24.48
CA ILE C 113 -10.56 -18.20 24.67
C ILE C 113 -10.71 -18.61 26.13
N TYR C 114 -11.88 -18.36 26.69
CA TYR C 114 -12.13 -18.69 28.08
C TYR C 114 -13.30 -19.64 28.29
N VAL C 115 -13.13 -20.54 29.24
CA VAL C 115 -14.19 -21.49 29.60
C VAL C 115 -14.16 -21.60 31.11
N ASN C 116 -15.19 -21.06 31.75
CA ASN C 116 -15.30 -21.10 33.21
C ASN C 116 -14.14 -20.35 33.86
N GLY C 117 -13.91 -19.12 33.43
CA GLY C 117 -12.84 -18.33 34.00
C GLY C 117 -11.42 -18.81 33.77
N ARG C 118 -11.25 -19.90 33.03
CA ARG C 118 -9.90 -20.39 32.77
C ARG C 118 -9.48 -20.28 31.30
N LYS C 119 -8.22 -19.90 31.09
CA LYS C 119 -7.68 -19.70 29.76
C LYS C 119 -7.38 -21.00 29.01
N LEU C 120 -8.02 -21.15 27.86
CA LEU C 120 -7.84 -22.31 27.00
C LEU C 120 -6.79 -22.10 25.90
N SER C 121 -6.57 -20.85 25.50
CA SER C 121 -5.67 -20.57 24.39
C SER C 121 -4.59 -19.49 24.52
N ILE C 122 -3.76 -19.43 23.49
CA ILE C 122 -2.73 -18.40 23.34
C ILE C 122 -2.76 -18.09 21.84
N SER C 123 -2.42 -16.88 21.48
CA SER C 123 -2.45 -16.51 20.08
C SER C 123 -1.63 -15.26 19.83
N ILE C 124 -1.14 -15.11 18.60
CA ILE C 124 -0.37 -13.94 18.25
C ILE C 124 -0.59 -13.68 16.76
N ALA C 125 -0.52 -12.42 16.36
CA ALA C 125 -0.70 -12.08 14.96
C ALA C 125 0.27 -10.99 14.58
N THR C 126 0.96 -11.15 13.46
CA THR C 126 1.89 -10.13 13.03
C THR C 126 2.11 -10.25 11.52
N VAL C 127 3.14 -9.57 11.02
CA VAL C 127 3.43 -9.61 9.61
C VAL C 127 4.92 -9.76 9.35
N SER C 128 5.23 -10.22 8.14
CA SER C 128 6.60 -10.36 7.66
C SER C 128 6.61 -9.34 6.52
N PRO C 129 7.78 -9.10 5.91
CA PRO C 129 7.74 -8.12 4.82
C PRO C 129 6.87 -8.55 3.65
N VAL C 130 6.51 -9.84 3.59
CA VAL C 130 5.69 -10.34 2.49
C VAL C 130 4.42 -11.11 2.86
N SER C 131 4.09 -11.16 4.13
CA SER C 131 2.89 -11.90 4.48
C SER C 131 2.34 -11.59 5.86
N ILE C 132 1.17 -12.16 6.14
CA ILE C 132 0.51 -12.03 7.42
C ILE C 132 0.73 -13.41 8.07
N LYS C 133 1.07 -13.44 9.35
CA LYS C 133 1.29 -14.71 10.06
C LYS C 133 0.51 -14.71 11.37
N ILE C 134 -0.19 -15.81 11.62
CA ILE C 134 -1.02 -15.95 12.81
C ILE C 134 -0.83 -17.32 13.46
N HIS C 135 -0.72 -17.33 14.78
CA HIS C 135 -0.61 -18.58 15.50
C HIS C 135 -1.74 -18.66 16.52
N ILE C 136 -2.34 -19.83 16.64
CA ILE C 136 -3.37 -20.04 17.64
C ILE C 136 -2.98 -21.37 18.29
N GLY C 137 -2.86 -21.37 19.61
CA GLY C 137 -2.52 -22.57 20.36
C GLY C 137 -3.65 -22.92 21.32
N LEU C 138 -4.06 -24.19 21.36
CA LEU C 138 -5.13 -24.62 22.25
C LEU C 138 -4.64 -25.74 23.15
N ASN C 139 -4.68 -25.53 24.47
CA ASN C 139 -4.22 -26.56 25.41
C ASN C 139 -5.00 -27.86 25.27
N VAL C 140 -4.28 -28.98 25.28
CA VAL C 140 -4.92 -30.28 25.23
C VAL C 140 -4.93 -30.73 26.69
N LYS C 141 -3.76 -30.62 27.31
CA LYS C 141 -3.54 -30.94 28.72
C LYS C 141 -3.17 -29.65 29.43
N THR C 142 -3.17 -29.68 30.77
CA THR C 142 -2.86 -28.50 31.57
C THR C 142 -1.43 -28.55 32.11
N VAL C 143 -0.79 -29.72 32.00
CA VAL C 143 0.57 -29.89 32.48
C VAL C 143 1.59 -29.05 31.69
N GLY C 144 2.59 -28.53 32.41
CA GLY C 144 3.62 -27.73 31.77
C GLY C 144 3.25 -26.27 31.56
N VAL C 145 1.97 -25.95 31.73
CA VAL C 145 1.50 -24.56 31.57
C VAL C 145 1.88 -23.73 32.80
N PRO C 146 2.60 -22.61 32.58
CA PRO C 146 3.07 -21.67 33.60
C PRO C 146 2.08 -21.11 34.61
N PRO C 147 2.45 -21.15 35.90
CA PRO C 147 1.61 -20.63 36.97
C PRO C 147 1.33 -19.15 36.73
N GLY C 148 0.11 -18.73 36.98
CA GLY C 148 -0.28 -17.35 36.77
C GLY C 148 -1.74 -17.50 36.50
N VAL C 149 -2.09 -17.83 35.27
CA VAL C 149 -3.51 -18.04 34.96
C VAL C 149 -3.89 -19.50 35.17
N ASP C 150 -5.19 -19.71 35.27
CA ASP C 150 -5.74 -21.03 35.40
C ASP C 150 -6.15 -21.37 33.96
N ALA C 151 -5.54 -22.43 33.46
CA ALA C 151 -5.75 -22.91 32.14
C ALA C 151 -6.62 -24.16 32.16
N ILE C 152 -7.21 -24.46 31.01
CA ILE C 152 -8.02 -25.61 30.89
C ILE C 152 -7.68 -26.18 29.53
N GLY C 153 -7.80 -27.49 29.39
CA GLY C 153 -7.48 -28.11 28.11
C GLY C 153 -8.68 -28.78 27.46
N LEU C 154 -8.49 -29.20 26.21
CA LEU C 154 -9.54 -29.86 25.45
C LEU C 154 -9.86 -31.22 26.05
N GLU C 155 -8.88 -31.82 26.72
CA GLU C 155 -9.05 -33.12 27.34
C GLU C 155 -10.03 -33.03 28.51
N GLU C 156 -9.83 -32.05 29.37
CA GLU C 156 -10.72 -31.87 30.51
C GLU C 156 -12.13 -31.52 30.05
N LEU C 157 -12.26 -30.93 28.87
CA LEU C 157 -13.56 -30.56 28.32
C LEU C 157 -14.13 -31.77 27.58
N GLY C 158 -13.39 -32.88 27.62
CA GLY C 158 -13.84 -34.08 26.95
C GLY C 158 -13.99 -33.92 25.44
N ILE C 159 -12.92 -33.43 24.80
CA ILE C 159 -12.92 -33.24 23.36
C ILE C 159 -11.73 -33.97 22.77
N ASP C 160 -11.97 -34.77 21.73
CA ASP C 160 -10.88 -35.50 21.09
C ASP C 160 -10.10 -34.50 20.23
N PRO C 161 -8.81 -34.33 20.54
CA PRO C 161 -7.96 -33.40 19.79
C PRO C 161 -7.98 -33.59 18.28
N THR C 162 -7.74 -34.82 17.83
CA THR C 162 -7.72 -35.14 16.41
C THR C 162 -9.00 -34.76 15.68
N GLU C 163 -10.14 -35.13 16.26
CA GLU C 163 -11.43 -34.84 15.65
C GLU C 163 -11.71 -33.33 15.65
N PHE C 164 -11.25 -32.63 16.69
CA PHE C 164 -11.45 -31.19 16.78
C PHE C 164 -10.60 -30.50 15.72
N MET C 165 -9.33 -30.93 15.62
CA MET C 165 -8.40 -30.36 14.63
C MET C 165 -9.05 -30.37 13.23
N GLU C 166 -9.68 -31.49 12.87
CA GLU C 166 -10.32 -31.59 11.58
C GLU C 166 -11.48 -30.63 11.44
N ARG C 167 -12.38 -30.67 12.41
CA ARG C 167 -13.56 -29.81 12.42
C ARG C 167 -13.20 -28.34 12.51
N SER C 168 -12.24 -27.99 13.36
CA SER C 168 -11.91 -26.56 13.46
C SER C 168 -11.13 -26.07 12.23
N ALA C 169 -10.25 -26.92 11.70
CA ALA C 169 -9.47 -26.54 10.53
C ALA C 169 -10.39 -26.17 9.37
N LYS C 170 -11.42 -26.99 9.15
CA LYS C 170 -12.38 -26.75 8.09
C LYS C 170 -13.17 -25.47 8.35
N ALA C 171 -13.46 -25.18 9.62
CA ALA C 171 -14.23 -23.98 9.98
C ALA C 171 -13.38 -22.73 9.76
N LEU C 172 -12.08 -22.83 10.04
CA LEU C 172 -11.20 -21.67 9.86
C LEU C 172 -10.92 -21.37 8.39
N VAL C 173 -10.80 -22.41 7.58
CA VAL C 173 -10.55 -22.25 6.14
C VAL C 173 -11.80 -21.65 5.50
N GLU C 174 -12.96 -22.16 5.92
CA GLU C 174 -14.23 -21.68 5.41
C GLU C 174 -14.39 -20.19 5.76
N GLU C 175 -13.96 -19.81 6.97
CA GLU C 175 -14.07 -18.42 7.39
C GLU C 175 -13.18 -17.50 6.52
N ILE C 176 -11.95 -17.92 6.26
CA ILE C 176 -11.05 -17.10 5.45
C ILE C 176 -11.54 -16.95 4.00
N GLU C 177 -12.03 -18.04 3.42
CA GLU C 177 -12.51 -18.00 2.04
C GLU C 177 -13.74 -17.11 1.88
N LYS C 178 -14.55 -17.03 2.93
CA LYS C 178 -15.73 -16.19 2.90
C LYS C 178 -15.25 -14.73 3.03
N VAL C 179 -14.25 -14.51 3.88
CA VAL C 179 -13.69 -13.16 4.05
C VAL C 179 -13.23 -12.66 2.66
N ARG C 180 -12.67 -13.59 1.88
CA ARG C 180 -12.17 -13.30 0.54
C ARG C 180 -13.29 -13.09 -0.47
N LYS C 181 -14.24 -14.02 -0.57
CA LYS C 181 -15.34 -13.86 -1.52
C LYS C 181 -16.12 -12.56 -1.28
N ASP C 182 -16.41 -12.27 -0.02
CA ASP C 182 -17.15 -11.05 0.30
C ASP C 182 -16.41 -9.80 -0.15
N SER C 183 -15.08 -9.80 -0.04
CA SER C 183 -14.30 -8.63 -0.44
C SER C 183 -14.38 -8.42 -1.95
N LEU C 184 -14.75 -9.48 -2.66
CA LEU C 184 -14.84 -9.45 -4.11
C LEU C 184 -16.22 -9.11 -4.70
N LYS C 185 -17.29 -9.25 -3.92
CA LYS C 185 -18.64 -8.96 -4.43
C LYS C 185 -19.22 -7.57 -4.14
N VAL C 186 -18.40 -6.62 -3.67
CA VAL C 186 -18.90 -5.29 -3.38
C VAL C 186 -18.19 -4.20 -4.20
N ARG C 187 -18.95 -3.21 -4.65
CA ARG C 187 -18.36 -2.11 -5.41
C ARG C 187 -17.84 -1.07 -4.40
N TRP C 188 -16.95 -0.20 -4.84
CA TRP C 188 -16.43 0.83 -3.95
C TRP C 188 -17.40 1.98 -3.91
N VAL C 189 -17.35 2.76 -2.83
CA VAL C 189 -18.23 3.90 -2.66
C VAL C 189 -17.48 5.22 -2.69
N THR C 190 -18.17 6.28 -3.06
CA THR C 190 -17.55 7.60 -3.13
C THR C 190 -17.52 8.22 -1.74
N SER D 3 -9.49 8.66 20.28
CA SER D 3 -9.31 7.22 19.92
C SER D 3 -10.24 6.83 18.76
N MET D 4 -11.53 6.84 19.05
CA MET D 4 -12.57 6.52 18.11
C MET D 4 -13.80 7.24 18.65
N GLU D 5 -14.53 7.90 17.75
CA GLU D 5 -15.73 8.65 18.14
C GLU D 5 -16.99 7.79 18.15
N LEU D 6 -17.72 7.82 19.25
CA LEU D 6 -18.96 7.06 19.29
C LEU D 6 -20.14 8.03 19.40
N LEU D 7 -21.04 8.02 18.42
CA LEU D 7 -22.20 8.90 18.49
C LEU D 7 -23.46 8.05 18.39
N ILE D 8 -24.22 8.02 19.47
CA ILE D 8 -25.47 7.27 19.53
C ILE D 8 -26.59 8.31 19.52
N ILE D 9 -27.29 8.41 18.41
CA ILE D 9 -28.40 9.35 18.27
C ILE D 9 -29.62 8.80 19.05
N LYS D 10 -29.72 9.20 20.32
CA LYS D 10 -30.76 8.74 21.24
C LYS D 10 -32.14 9.40 21.33
N GLU D 11 -32.38 10.58 20.76
CA GLU D 11 -33.73 11.16 20.92
C GLU D 11 -34.66 11.10 19.73
N ARG D 12 -34.16 11.56 18.59
CA ARG D 12 -34.95 11.56 17.36
C ARG D 12 -34.69 10.30 16.61
N ARG D 13 -34.99 10.37 15.32
CA ARG D 13 -34.79 9.23 14.45
C ARG D 13 -34.25 9.64 13.12
N ILE D 14 -33.60 8.68 12.48
CA ILE D 14 -32.96 8.90 11.19
C ILE D 14 -33.19 7.63 10.39
N ASP D 15 -33.44 7.80 9.09
CA ASP D 15 -33.68 6.68 8.20
C ASP D 15 -32.40 6.32 7.48
N TYR D 16 -32.38 5.13 6.89
CA TYR D 16 -31.20 4.68 6.16
C TYR D 16 -31.64 4.32 4.76
N ASP D 17 -31.04 4.98 3.77
CA ASP D 17 -31.38 4.73 2.38
C ASP D 17 -30.11 4.27 1.65
N GLY D 18 -29.11 3.86 2.42
CA GLY D 18 -27.86 3.40 1.85
C GLY D 18 -26.93 4.58 1.56
N SER D 19 -27.43 5.77 1.86
CA SER D 19 -26.68 7.00 1.64
C SER D 19 -25.56 7.18 2.66
N ALA D 20 -25.79 6.70 3.88
CA ALA D 20 -24.82 6.82 4.97
C ALA D 20 -23.55 5.99 4.81
N ILE D 21 -23.45 5.21 3.74
CA ILE D 21 -22.28 4.36 3.53
C ILE D 21 -21.12 5.12 2.89
N ARG D 22 -21.41 6.30 2.35
CA ARG D 22 -20.38 7.10 1.70
C ARG D 22 -19.33 7.68 2.63
N SER D 23 -18.15 7.95 2.06
CA SER D 23 -17.02 8.49 2.82
C SER D 23 -17.29 9.85 3.47
N HIS D 24 -16.83 9.99 4.71
CA HIS D 24 -16.98 11.21 5.47
C HIS D 24 -18.42 11.52 5.86
N TRP D 25 -19.29 10.52 5.80
CA TRP D 25 -20.69 10.73 6.17
C TRP D 25 -20.80 11.25 7.59
N ALA D 26 -20.13 10.60 8.53
CA ALA D 26 -20.16 11.03 9.93
C ALA D 26 -19.64 12.45 10.15
N TYR D 27 -18.58 12.81 9.42
CA TYR D 27 -17.97 14.15 9.57
C TYR D 27 -18.82 15.23 8.94
N ARG D 28 -19.21 14.99 7.70
CA ARG D 28 -20.02 15.92 6.95
C ARG D 28 -21.34 16.21 7.65
N ASN D 29 -21.90 15.22 8.35
CA ASN D 29 -23.18 15.39 9.00
C ASN D 29 -23.15 15.57 10.51
N PHE D 30 -22.03 15.31 11.14
CA PHE D 30 -21.96 15.43 12.60
C PHE D 30 -20.70 16.12 13.11
N GLY D 31 -19.82 16.51 12.20
CA GLY D 31 -18.59 17.16 12.61
C GLY D 31 -17.72 16.22 13.41
N ILE D 32 -17.97 14.92 13.23
CA ILE D 32 -17.18 13.89 13.90
C ILE D 32 -15.99 13.62 12.98
N LEU D 33 -14.79 13.95 13.45
CA LEU D 33 -13.60 13.77 12.65
C LEU D 33 -12.88 12.44 12.89
N GLY D 34 -12.47 11.78 11.82
CA GLY D 34 -11.75 10.52 11.94
C GLY D 34 -12.59 9.30 12.25
N ASP D 35 -11.92 8.23 12.65
CA ASP D 35 -12.58 6.97 12.99
C ASP D 35 -13.82 7.21 13.82
N SER D 36 -14.94 6.67 13.37
CA SER D 36 -16.19 6.87 14.09
C SER D 36 -17.25 5.79 13.90
N LEU D 37 -18.04 5.61 14.94
CA LEU D 37 -19.16 4.68 14.92
C LEU D 37 -20.40 5.50 15.27
N VAL D 38 -21.33 5.57 14.32
CA VAL D 38 -22.56 6.30 14.50
C VAL D 38 -23.69 5.27 14.57
N VAL D 39 -24.39 5.25 15.72
CA VAL D 39 -25.49 4.31 15.91
C VAL D 39 -26.83 5.03 15.99
N PHE D 40 -27.74 4.72 15.07
CA PHE D 40 -29.06 5.33 15.07
C PHE D 40 -30.17 4.30 14.80
N ARG D 41 -31.42 4.74 14.92
CA ARG D 41 -32.58 3.87 14.70
C ARG D 41 -33.57 4.54 13.75
N GLY D 42 -34.03 3.80 12.74
CA GLY D 42 -34.96 4.37 11.77
C GLY D 42 -35.42 3.37 10.73
N LYS D 43 -35.99 3.85 9.64
CA LYS D 43 -36.47 2.97 8.58
C LYS D 43 -35.33 2.51 7.70
N CYS D 44 -35.62 1.58 6.81
CA CYS D 44 -34.62 1.06 5.90
C CYS D 44 -35.18 0.78 4.49
N ASN D 45 -34.79 1.62 3.54
CA ASN D 45 -35.22 1.45 2.17
C ASN D 45 -34.04 1.83 1.29
N VAL D 46 -33.07 0.94 1.21
CA VAL D 46 -31.88 1.20 0.41
C VAL D 46 -32.33 1.53 -1.02
N LYS D 47 -31.77 2.59 -1.58
CA LYS D 47 -32.08 2.98 -2.94
C LYS D 47 -31.14 2.19 -3.83
N VAL D 48 -31.62 1.80 -5.01
CA VAL D 48 -30.80 1.01 -5.92
C VAL D 48 -29.44 1.64 -6.22
N GLU D 49 -29.42 2.95 -6.43
CA GLU D 49 -28.17 3.66 -6.75
C GLU D 49 -27.20 3.80 -5.57
N GLU D 50 -27.60 3.31 -4.40
CA GLU D 50 -26.74 3.38 -3.23
C GLU D 50 -26.36 1.96 -2.78
N MET D 51 -26.89 0.96 -3.49
CA MET D 51 -26.62 -0.45 -3.17
C MET D 51 -25.19 -0.87 -3.47
N VAL D 52 -24.48 -1.32 -2.44
CA VAL D 52 -23.10 -1.74 -2.57
C VAL D 52 -22.91 -3.18 -3.06
N ASP D 53 -23.76 -4.10 -2.60
CA ASP D 53 -23.65 -5.49 -3.02
C ASP D 53 -24.02 -5.61 -4.50
N ILE D 54 -23.03 -5.93 -5.32
CA ILE D 54 -23.23 -6.08 -6.76
C ILE D 54 -24.10 -7.30 -7.07
N GLU D 55 -24.21 -8.20 -6.11
CA GLU D 55 -25.02 -9.41 -6.28
C GLU D 55 -26.50 -9.06 -6.08
N ASP D 56 -26.80 -8.20 -5.10
CA ASP D 56 -28.18 -7.81 -4.83
C ASP D 56 -28.75 -7.08 -6.04
N LEU D 57 -27.85 -6.50 -6.84
CA LEU D 57 -28.26 -5.78 -8.03
C LEU D 57 -28.59 -6.68 -9.26
N ARG D 58 -27.70 -7.65 -9.57
CA ARG D 58 -27.82 -8.60 -10.69
C ARG D 58 -29.12 -9.38 -10.63
N LEU D 59 -29.62 -9.45 -9.40
CA LEU D 59 -30.86 -10.15 -9.10
C LEU D 59 -31.68 -9.17 -8.29
N ARG D 60 -31.63 -7.89 -8.71
CA ARG D 60 -32.34 -6.76 -8.06
C ARG D 60 -33.18 -7.16 -6.89
N LYS D 61 -32.48 -7.30 -5.78
CA LYS D 61 -33.10 -7.66 -4.54
C LYS D 61 -33.52 -6.32 -3.94
N GLU D 62 -34.41 -6.39 -2.97
CA GLU D 62 -34.94 -5.20 -2.32
C GLU D 62 -34.56 -5.27 -0.85
N ILE D 63 -34.05 -4.16 -0.32
CA ILE D 63 -33.66 -4.10 1.08
C ILE D 63 -34.59 -3.14 1.83
N LYS D 64 -35.56 -3.68 2.55
CA LYS D 64 -36.53 -2.87 3.28
C LYS D 64 -36.72 -3.23 4.76
N GLY D 65 -37.23 -2.24 5.51
CA GLY D 65 -37.48 -2.39 6.93
C GLY D 65 -38.08 -1.10 7.44
N ASP D 66 -38.84 -1.18 8.52
CA ASP D 66 -39.48 0.02 9.08
C ASP D 66 -38.80 0.49 10.36
N ASP D 67 -38.58 -0.44 11.29
CA ASP D 67 -37.91 -0.10 12.54
C ASP D 67 -36.68 -1.00 12.66
N MET D 68 -35.52 -0.42 12.39
CA MET D 68 -34.24 -1.13 12.41
C MET D 68 -33.17 -0.30 13.12
N VAL D 69 -32.23 -0.98 13.79
CA VAL D 69 -31.12 -0.28 14.47
C VAL D 69 -29.94 -0.24 13.49
N HIS D 70 -29.43 0.96 13.23
CA HIS D 70 -28.34 1.14 12.29
C HIS D 70 -26.95 1.43 12.87
N TYR D 71 -25.96 0.79 12.27
CA TYR D 71 -24.59 0.97 12.70
C TYR D 71 -23.76 1.41 11.51
N ILE D 72 -23.19 2.61 11.60
CA ILE D 72 -22.36 3.11 10.51
C ILE D 72 -20.96 3.33 11.03
N LEU D 73 -20.05 2.55 10.46
CA LEU D 73 -18.66 2.60 10.86
C LEU D 73 -17.77 3.11 9.76
N GLU D 74 -16.93 4.08 10.08
CA GLU D 74 -15.98 4.58 9.11
C GLU D 74 -14.59 4.57 9.75
N LEU D 75 -13.66 3.87 9.10
CA LEU D 75 -12.30 3.77 9.59
C LEU D 75 -11.31 4.30 8.57
N PHE D 76 -10.50 5.28 8.97
CA PHE D 76 -9.53 5.83 8.05
C PHE D 76 -8.24 5.04 8.11
N TRP D 77 -8.34 3.78 7.73
CA TRP D 77 -7.20 2.87 7.69
C TRP D 77 -6.89 2.67 6.21
N HIS D 78 -5.97 1.76 5.91
CA HIS D 78 -5.66 1.52 4.51
C HIS D 78 -6.94 0.98 3.89
N PRO D 79 -7.40 1.59 2.79
CA PRO D 79 -8.64 1.14 2.12
C PRO D 79 -8.48 -0.23 1.44
N ASP D 80 -8.35 -1.26 2.25
CA ASP D 80 -8.18 -2.64 1.77
C ASP D 80 -9.53 -3.37 1.91
N ILE D 81 -10.04 -3.90 0.79
CA ILE D 81 -11.31 -4.62 0.80
C ILE D 81 -11.28 -5.86 1.71
N LEU D 82 -10.09 -6.42 1.92
CA LEU D 82 -9.95 -7.60 2.77
C LEU D 82 -10.04 -7.18 4.22
N LEU D 83 -9.56 -5.98 4.50
CA LEU D 83 -9.61 -5.45 5.85
C LEU D 83 -11.07 -5.14 6.18
N ALA D 84 -11.79 -4.53 5.24
CA ALA D 84 -13.20 -4.20 5.43
C ALA D 84 -13.98 -5.47 5.72
N SER D 85 -13.80 -6.47 4.88
CA SER D 85 -14.48 -7.76 5.03
C SER D 85 -14.17 -8.44 6.38
N SER D 86 -12.91 -8.47 6.77
CA SER D 86 -12.52 -9.08 8.05
C SER D 86 -13.21 -8.41 9.25
N LEU D 87 -13.08 -7.10 9.35
CA LEU D 87 -13.69 -6.34 10.44
C LEU D 87 -15.20 -6.55 10.52
N GLN D 88 -15.86 -6.44 9.38
CA GLN D 88 -17.30 -6.63 9.34
C GLN D 88 -17.68 -7.93 10.05
N LYS D 89 -17.09 -9.05 9.64
CA LYS D 89 -17.44 -10.33 10.27
C LYS D 89 -16.95 -10.46 11.71
N LEU D 90 -15.90 -9.73 12.07
CA LEU D 90 -15.46 -9.77 13.46
C LEU D 90 -16.53 -9.07 14.31
N LEU D 91 -17.07 -7.96 13.79
CA LEU D 91 -18.08 -7.18 14.50
C LEU D 91 -19.41 -7.94 14.61
N ILE D 92 -19.79 -8.62 13.54
CA ILE D 92 -21.02 -9.40 13.55
C ILE D 92 -20.86 -10.52 14.58
N ALA D 93 -19.66 -11.09 14.64
CA ALA D 93 -19.39 -12.16 15.59
C ALA D 93 -19.48 -11.65 17.01
N ARG D 94 -19.10 -10.39 17.23
CA ARG D 94 -19.15 -9.86 18.59
C ARG D 94 -20.60 -9.67 19.01
N LEU D 95 -21.44 -9.30 18.04
CA LEU D 95 -22.85 -9.08 18.29
C LEU D 95 -23.51 -10.41 18.61
N VAL D 96 -23.18 -11.43 17.83
CA VAL D 96 -23.74 -12.75 18.03
C VAL D 96 -23.46 -13.25 19.43
N GLU D 97 -22.25 -12.98 19.93
CA GLU D 97 -21.89 -13.42 21.26
C GLU D 97 -22.62 -12.58 22.31
N LEU D 98 -22.75 -11.29 22.03
CA LEU D 98 -23.42 -10.37 22.94
C LEU D 98 -24.89 -10.79 23.15
N LEU D 99 -25.54 -11.24 22.07
CA LEU D 99 -26.93 -11.67 22.16
C LEU D 99 -27.12 -12.81 23.17
N TRP D 100 -26.06 -13.57 23.43
CA TRP D 100 -26.14 -14.66 24.39
C TRP D 100 -26.26 -14.16 25.83
N ASN D 101 -25.85 -12.93 26.08
CA ASN D 101 -25.97 -12.37 27.43
C ASN D 101 -27.45 -12.16 27.73
N TYR D 102 -28.26 -12.22 26.68
CA TYR D 102 -29.70 -12.05 26.79
C TYR D 102 -30.39 -13.40 26.64
N GLY D 103 -29.60 -14.47 26.76
CA GLY D 103 -30.14 -15.81 26.65
C GLY D 103 -30.54 -16.18 25.24
N ILE D 104 -30.16 -15.37 24.26
CA ILE D 104 -30.49 -15.64 22.86
C ILE D 104 -29.41 -16.41 22.10
N GLU D 105 -29.83 -17.52 21.48
CA GLU D 105 -28.92 -18.38 20.71
C GLU D 105 -28.84 -17.90 19.26
N ALA D 106 -27.90 -17.00 19.00
CA ALA D 106 -27.71 -16.44 17.68
C ALA D 106 -26.78 -17.33 16.87
N SER D 107 -26.90 -17.22 15.54
CA SER D 107 -26.07 -18.00 14.65
C SER D 107 -25.52 -17.05 13.58
N ARG D 108 -24.28 -17.29 13.17
CA ARG D 108 -23.67 -16.43 12.16
C ARG D 108 -23.42 -17.16 10.85
N ARG D 109 -23.82 -16.53 9.75
CA ARG D 109 -23.58 -17.10 8.44
C ARG D 109 -22.85 -16.02 7.65
N GLY D 110 -21.54 -15.94 7.91
CA GLY D 110 -20.70 -14.95 7.27
C GLY D 110 -20.88 -13.63 7.98
N ASP D 111 -21.61 -12.72 7.35
CA ASP D 111 -21.86 -11.41 7.94
C ASP D 111 -23.32 -11.30 8.43
N ASP D 112 -24.12 -12.34 8.17
CA ASP D 112 -25.52 -12.36 8.58
C ASP D 112 -25.76 -13.04 9.93
N ILE D 113 -26.65 -12.47 10.73
CA ILE D 113 -26.98 -13.05 12.04
C ILE D 113 -28.34 -13.72 11.97
N TYR D 114 -28.41 -14.96 12.46
CA TYR D 114 -29.65 -15.72 12.48
C TYR D 114 -30.00 -16.12 13.91
N VAL D 115 -31.30 -16.17 14.18
CA VAL D 115 -31.84 -16.59 15.47
C VAL D 115 -33.02 -17.52 15.16
N ASN D 116 -32.92 -18.76 15.61
CA ASN D 116 -33.97 -19.74 15.38
C ASN D 116 -34.30 -19.83 13.88
N GLY D 117 -33.24 -19.86 13.07
CA GLY D 117 -33.41 -19.96 11.63
C GLY D 117 -33.87 -18.72 10.88
N ARG D 118 -34.19 -17.65 11.61
CA ARG D 118 -34.63 -16.42 10.96
C ARG D 118 -33.56 -15.32 10.99
N LYS D 119 -33.47 -14.55 9.91
CA LYS D 119 -32.48 -13.49 9.79
C LYS D 119 -32.78 -12.18 10.51
N LEU D 120 -31.96 -11.87 11.51
CA LEU D 120 -32.07 -10.68 12.33
C LEU D 120 -31.35 -9.45 11.80
N SER D 121 -30.35 -9.66 10.96
CA SER D 121 -29.56 -8.53 10.47
C SER D 121 -29.30 -8.45 8.98
N ILE D 122 -28.59 -7.38 8.61
CA ILE D 122 -28.13 -7.12 7.23
C ILE D 122 -26.82 -6.34 7.41
N SER D 123 -25.95 -6.36 6.41
CA SER D 123 -24.67 -5.69 6.54
C SER D 123 -23.91 -5.65 5.25
N ILE D 124 -22.97 -4.72 5.18
CA ILE D 124 -22.14 -4.58 4.01
C ILE D 124 -20.82 -3.94 4.44
N ALA D 125 -19.73 -4.32 3.77
CA ALA D 125 -18.41 -3.78 4.07
C ALA D 125 -17.78 -3.42 2.75
N THR D 126 -17.20 -2.24 2.67
CA THR D 126 -16.56 -1.83 1.43
C THR D 126 -15.58 -0.70 1.71
N VAL D 127 -15.04 -0.12 0.64
CA VAL D 127 -14.08 0.95 0.80
C VAL D 127 -14.37 2.12 -0.11
N SER D 128 -13.81 3.26 0.26
CA SER D 128 -13.87 4.50 -0.51
C SER D 128 -12.40 4.70 -0.86
N PRO D 129 -12.07 5.71 -1.68
CA PRO D 129 -10.66 5.89 -2.00
C PRO D 129 -9.84 6.30 -0.77
N VAL D 130 -10.52 6.63 0.32
CA VAL D 130 -9.81 7.05 1.53
C VAL D 130 -10.25 6.42 2.86
N SER D 131 -11.07 5.38 2.81
CA SER D 131 -11.51 4.80 4.07
C SER D 131 -12.30 3.50 3.95
N ILE D 132 -12.55 2.89 5.10
CA ILE D 132 -13.31 1.65 5.18
C ILE D 132 -14.68 2.04 5.73
N LYS D 133 -15.72 1.57 5.07
CA LYS D 133 -17.09 1.86 5.50
C LYS D 133 -17.81 0.54 5.68
N ILE D 134 -18.51 0.44 6.81
CA ILE D 134 -19.25 -0.75 7.13
C ILE D 134 -20.61 -0.37 7.67
N HIS D 135 -21.62 -1.11 7.29
CA HIS D 135 -22.97 -0.87 7.79
C HIS D 135 -23.54 -2.15 8.34
N ILE D 136 -24.14 -2.06 9.51
CA ILE D 136 -24.79 -3.21 10.14
C ILE D 136 -26.21 -2.76 10.48
N GLY D 137 -27.19 -3.65 10.25
CA GLY D 137 -28.57 -3.33 10.56
C GLY D 137 -29.26 -4.45 11.30
N LEU D 138 -29.88 -4.13 12.43
CA LEU D 138 -30.59 -5.13 13.23
C LEU D 138 -32.08 -4.80 13.30
N ASN D 139 -32.91 -5.74 12.88
CA ASN D 139 -34.35 -5.53 12.92
C ASN D 139 -34.88 -5.35 14.33
N VAL D 140 -35.82 -4.42 14.47
CA VAL D 140 -36.44 -4.20 15.77
C VAL D 140 -37.79 -4.93 15.68
N LYS D 141 -38.47 -4.72 14.56
CA LYS D 141 -39.77 -5.33 14.26
C LYS D 141 -39.66 -5.86 12.81
N THR D 142 -40.36 -6.95 12.51
CA THR D 142 -40.34 -7.58 11.18
C THR D 142 -41.28 -6.94 10.16
N VAL D 143 -41.88 -5.81 10.51
CA VAL D 143 -42.80 -5.19 9.57
C VAL D 143 -42.08 -4.34 8.53
N GLY D 144 -42.55 -4.44 7.28
CA GLY D 144 -41.94 -3.69 6.20
C GLY D 144 -40.82 -4.45 5.51
N VAL D 145 -40.55 -5.66 5.97
CA VAL D 145 -39.50 -6.48 5.39
C VAL D 145 -40.01 -7.33 4.22
N PRO D 146 -39.34 -7.26 3.06
CA PRO D 146 -39.72 -8.02 1.86
C PRO D 146 -39.81 -9.53 2.10
N PRO D 147 -40.97 -10.12 1.78
CA PRO D 147 -41.15 -11.57 1.97
C PRO D 147 -40.20 -12.41 1.11
N GLY D 148 -39.92 -13.62 1.56
CA GLY D 148 -39.03 -14.52 0.84
C GLY D 148 -38.38 -15.37 1.92
N VAL D 149 -37.39 -14.78 2.58
CA VAL D 149 -36.69 -15.40 3.68
C VAL D 149 -37.44 -14.79 4.84
N ASP D 150 -37.52 -15.43 5.99
CA ASP D 150 -38.23 -14.70 7.03
C ASP D 150 -37.28 -14.10 8.06
N ALA D 151 -37.66 -12.94 8.55
CA ALA D 151 -36.86 -12.19 9.52
C ALA D 151 -37.35 -12.34 10.93
N ILE D 152 -36.70 -11.61 11.81
CA ILE D 152 -37.02 -11.61 13.22
C ILE D 152 -36.39 -10.33 13.75
N GLY D 153 -36.92 -9.83 14.87
CA GLY D 153 -36.40 -8.59 15.41
C GLY D 153 -36.09 -8.60 16.89
N LEU D 154 -35.59 -7.47 17.38
CA LEU D 154 -35.21 -7.34 18.77
C LEU D 154 -36.35 -7.39 19.78
N GLU D 155 -37.51 -6.85 19.43
CA GLU D 155 -38.64 -6.89 20.37
C GLU D 155 -39.09 -8.32 20.60
N GLU D 156 -39.28 -9.05 19.50
CA GLU D 156 -39.68 -10.45 19.61
C GLU D 156 -38.68 -11.25 20.44
N LEU D 157 -37.43 -10.78 20.49
CA LEU D 157 -36.42 -11.50 21.26
C LEU D 157 -36.35 -11.01 22.70
N GLY D 158 -37.24 -10.09 23.05
CA GLY D 158 -37.28 -9.55 24.40
C GLY D 158 -36.12 -8.66 24.76
N ILE D 159 -35.70 -7.82 23.81
CA ILE D 159 -34.58 -6.90 24.03
C ILE D 159 -34.98 -5.45 23.80
N ASP D 160 -34.68 -4.58 24.77
CA ASP D 160 -34.99 -3.17 24.61
C ASP D 160 -33.95 -2.57 23.67
N PRO D 161 -34.40 -1.98 22.54
CA PRO D 161 -33.50 -1.37 21.57
C PRO D 161 -32.53 -0.34 22.14
N THR D 162 -33.06 0.74 22.72
CA THR D 162 -32.21 1.79 23.27
C THR D 162 -31.18 1.23 24.26
N GLU D 163 -31.54 0.17 24.97
CA GLU D 163 -30.60 -0.42 25.92
C GLU D 163 -29.58 -1.27 25.18
N PHE D 164 -30.00 -1.87 24.06
CA PHE D 164 -29.10 -2.71 23.28
C PHE D 164 -28.11 -1.82 22.51
N MET D 165 -28.59 -0.65 22.09
CA MET D 165 -27.75 0.27 21.38
C MET D 165 -26.59 0.73 22.30
N GLU D 166 -26.87 0.93 23.58
CA GLU D 166 -25.84 1.38 24.51
C GLU D 166 -24.80 0.28 24.74
N ARG D 167 -25.29 -0.91 25.08
CA ARG D 167 -24.42 -2.04 25.37
C ARG D 167 -23.64 -2.56 24.16
N SER D 168 -24.27 -2.58 22.99
CA SER D 168 -23.62 -3.08 21.78
C SER D 168 -22.65 -2.09 21.16
N ALA D 169 -22.98 -0.81 21.21
CA ALA D 169 -22.11 0.21 20.65
C ALA D 169 -20.81 0.20 21.43
N LYS D 170 -20.93 0.05 22.74
CA LYS D 170 -19.78 0.00 23.62
C LYS D 170 -18.95 -1.24 23.29
N ALA D 171 -19.61 -2.37 23.03
CA ALA D 171 -18.92 -3.61 22.71
C ALA D 171 -18.11 -3.55 21.41
N LEU D 172 -18.71 -2.94 20.38
CA LEU D 172 -18.07 -2.81 19.09
C LEU D 172 -16.89 -1.83 19.14
N VAL D 173 -17.03 -0.77 19.93
CA VAL D 173 -15.94 0.19 20.06
C VAL D 173 -14.78 -0.54 20.74
N GLU D 174 -15.08 -1.27 21.80
CA GLU D 174 -14.05 -2.01 22.51
C GLU D 174 -13.38 -2.97 21.53
N GLU D 175 -14.18 -3.61 20.68
CA GLU D 175 -13.62 -4.57 19.72
C GLU D 175 -12.56 -3.93 18.82
N ILE D 176 -12.94 -2.80 18.23
CA ILE D 176 -12.06 -2.07 17.33
C ILE D 176 -10.80 -1.53 18.00
N GLU D 177 -10.94 -1.02 19.21
CA GLU D 177 -9.79 -0.49 19.93
C GLU D 177 -8.82 -1.60 20.30
N LYS D 178 -9.34 -2.79 20.57
CA LYS D 178 -8.49 -3.92 20.92
C LYS D 178 -7.76 -4.38 19.65
N VAL D 179 -8.42 -4.25 18.50
CA VAL D 179 -7.81 -4.63 17.24
C VAL D 179 -6.62 -3.70 16.98
N ARG D 180 -6.82 -2.42 17.23
CA ARG D 180 -5.78 -1.42 17.04
C ARG D 180 -4.62 -1.62 18.03
N LYS D 181 -4.95 -1.78 19.31
CA LYS D 181 -3.92 -1.99 20.31
C LYS D 181 -3.06 -3.23 20.07
N ASP D 182 -3.70 -4.34 19.71
CA ASP D 182 -2.96 -5.57 19.45
C ASP D 182 -2.05 -5.44 18.25
N SER D 183 -2.44 -4.61 17.30
CA SER D 183 -1.66 -4.39 16.08
C SER D 183 -0.39 -3.54 16.34
N LEU D 184 -0.32 -2.94 17.52
CA LEU D 184 0.81 -2.09 17.89
C LEU D 184 1.80 -2.68 18.90
N LYS D 185 1.48 -3.84 19.47
CA LYS D 185 2.35 -4.47 20.48
C LYS D 185 3.19 -5.64 19.98
N VAL D 186 3.09 -5.96 18.71
CA VAL D 186 3.84 -7.09 18.16
C VAL D 186 4.99 -6.69 17.25
N ARG D 187 6.09 -7.41 17.34
CA ARG D 187 7.23 -7.09 16.47
C ARG D 187 7.00 -7.83 15.15
N TRP D 188 7.54 -7.30 14.06
CA TRP D 188 7.39 -7.97 12.77
C TRP D 188 8.31 -9.19 12.81
N VAL D 189 8.08 -10.15 11.94
CA VAL D 189 8.92 -11.34 11.93
C VAL D 189 9.55 -11.52 10.58
N THR D 190 10.70 -12.19 10.56
CA THR D 190 11.40 -12.46 9.30
C THR D 190 10.73 -13.66 8.63
N MET E 1 7.24 9.00 -17.20
CA MET E 1 7.81 10.28 -16.65
C MET E 1 9.28 10.18 -16.98
N ASN E 2 10.07 11.06 -16.42
CA ASN E 2 11.50 11.15 -16.69
C ASN E 2 12.47 9.95 -16.79
N SER E 3 13.55 9.89 -15.99
CA SER E 3 14.54 8.82 -16.17
C SER E 3 14.89 7.69 -15.16
N MET E 4 16.01 6.99 -15.44
CA MET E 4 16.57 5.85 -14.65
C MET E 4 18.11 5.76 -14.83
N GLU E 5 18.79 5.06 -13.92
CA GLU E 5 20.27 4.92 -13.95
C GLU E 5 20.78 3.59 -14.51
N LEU E 6 21.86 3.66 -15.28
CA LEU E 6 22.47 2.48 -15.88
C LEU E 6 23.99 2.46 -15.73
N LEU E 7 24.53 1.30 -15.40
CA LEU E 7 25.97 1.13 -15.24
C LEU E 7 26.42 -0.23 -15.76
N ILE E 8 27.25 -0.22 -16.80
CA ILE E 8 27.80 -1.44 -17.35
C ILE E 8 29.26 -1.48 -16.94
N ILE E 9 29.65 -2.47 -16.15
CA ILE E 9 31.04 -2.59 -15.70
C ILE E 9 31.85 -3.35 -16.76
N LYS E 10 32.56 -2.59 -17.58
CA LYS E 10 33.37 -3.11 -18.68
C LYS E 10 34.86 -3.30 -18.36
N GLU E 11 35.41 -2.48 -17.46
CA GLU E 11 36.82 -2.54 -17.06
C GLU E 11 37.25 -3.84 -16.35
N ARG E 12 36.34 -4.44 -15.58
CA ARG E 12 36.68 -5.67 -14.85
C ARG E 12 35.52 -6.66 -14.76
N ARG E 13 35.74 -7.72 -14.01
CA ARG E 13 34.73 -8.75 -13.80
C ARG E 13 34.33 -8.70 -12.34
N ILE E 14 33.06 -9.00 -12.09
CA ILE E 14 32.54 -9.02 -10.73
C ILE E 14 31.79 -10.33 -10.62
N ASP E 15 32.07 -11.12 -9.59
CA ASP E 15 31.39 -12.40 -9.42
C ASP E 15 30.08 -12.29 -8.63
N TYR E 16 29.08 -13.05 -9.06
CA TYR E 16 27.78 -13.06 -8.41
C TYR E 16 27.67 -14.24 -7.44
N ASP E 17 27.61 -13.95 -6.15
CA ASP E 17 27.46 -15.01 -5.16
C ASP E 17 26.07 -14.90 -4.51
N GLY E 18 25.21 -14.13 -5.18
CA GLY E 18 23.86 -13.91 -4.73
C GLY E 18 23.63 -12.67 -3.87
N SER E 19 24.67 -12.18 -3.20
CA SER E 19 24.53 -11.02 -2.32
C SER E 19 24.23 -9.70 -3.02
N ALA E 20 24.32 -9.68 -4.34
CA ALA E 20 24.03 -8.45 -5.07
C ALA E 20 22.52 -8.23 -5.15
N ILE E 21 21.75 -9.23 -4.74
CA ILE E 21 20.29 -9.17 -4.74
C ILE E 21 19.77 -8.28 -3.62
N ARG E 22 20.63 -8.02 -2.62
CA ARG E 22 20.25 -7.18 -1.48
C ARG E 22 19.92 -5.72 -1.83
N SER E 23 19.14 -5.08 -0.97
CA SER E 23 18.73 -3.71 -1.19
C SER E 23 19.89 -2.74 -1.06
N HIS E 24 19.84 -1.69 -1.88
CA HIS E 24 20.84 -0.64 -1.91
C HIS E 24 22.22 -1.14 -2.37
N TRP E 25 22.26 -2.31 -3.01
CA TRP E 25 23.52 -2.85 -3.48
C TRP E 25 24.27 -1.88 -4.40
N ALA E 26 23.58 -1.44 -5.46
CA ALA E 26 24.14 -0.51 -6.43
C ALA E 26 24.59 0.79 -5.77
N TYR E 27 23.80 1.31 -4.84
CA TYR E 27 24.16 2.56 -4.19
C TYR E 27 25.31 2.40 -3.21
N ARG E 28 25.33 1.27 -2.51
CA ARG E 28 26.39 1.02 -1.54
C ARG E 28 27.74 0.85 -2.22
N ASN E 29 27.75 0.13 -3.34
CA ASN E 29 28.98 -0.16 -4.06
C ASN E 29 29.40 0.81 -5.18
N PHE E 30 28.44 1.33 -5.93
CA PHE E 30 28.75 2.23 -7.04
C PHE E 30 28.24 3.66 -6.86
N GLY E 31 27.57 3.94 -5.75
CA GLY E 31 27.08 5.29 -5.52
C GLY E 31 25.94 5.73 -6.41
N ILE E 32 25.30 4.79 -7.08
CA ILE E 32 24.19 5.10 -7.96
C ILE E 32 22.91 5.14 -7.13
N LEU E 33 22.33 6.33 -7.03
CA LEU E 33 21.11 6.53 -6.24
C LEU E 33 19.82 6.29 -7.02
N GLY E 34 18.82 5.71 -6.35
CA GLY E 34 17.53 5.47 -6.99
C GLY E 34 17.42 4.27 -7.92
N ASP E 35 16.38 4.27 -8.74
CA ASP E 35 16.16 3.18 -9.67
C ASP E 35 17.41 2.95 -10.51
N SER E 36 17.84 1.69 -10.60
CA SER E 36 19.04 1.38 -11.37
C SER E 36 19.18 -0.05 -11.90
N LEU E 37 20.01 -0.16 -12.94
CA LEU E 37 20.33 -1.41 -13.57
C LEU E 37 21.86 -1.43 -13.67
N VAL E 38 22.47 -2.46 -13.11
CA VAL E 38 23.91 -2.62 -13.12
C VAL E 38 24.22 -3.92 -13.87
N VAL E 39 25.00 -3.81 -14.93
CA VAL E 39 25.35 -4.97 -15.75
C VAL E 39 26.82 -5.27 -15.66
N PHE E 40 27.14 -6.53 -15.38
CA PHE E 40 28.52 -6.96 -15.28
C PHE E 40 28.69 -8.40 -15.75
N ARG E 41 29.93 -8.86 -15.73
CA ARG E 41 30.26 -10.21 -16.15
C ARG E 41 31.17 -10.86 -15.11
N GLY E 42 31.03 -12.17 -14.95
CA GLY E 42 31.85 -12.87 -13.97
C GLY E 42 31.32 -14.25 -13.67
N LYS E 43 31.84 -14.86 -12.61
CA LYS E 43 31.43 -16.19 -12.19
C LYS E 43 30.10 -16.13 -11.43
N CYS E 44 29.46 -17.29 -11.35
CA CYS E 44 28.20 -17.40 -10.63
C CYS E 44 28.26 -18.58 -9.67
N ASN E 45 28.33 -18.29 -8.38
CA ASN E 45 28.36 -19.33 -7.37
C ASN E 45 27.56 -18.79 -6.18
N VAL E 46 26.26 -19.07 -6.21
CA VAL E 46 25.34 -18.58 -5.19
C VAL E 46 25.42 -19.28 -3.86
N LYS E 47 25.73 -18.53 -2.82
CA LYS E 47 25.80 -19.05 -1.47
C LYS E 47 24.39 -19.40 -1.01
N VAL E 48 24.23 -20.56 -0.38
CA VAL E 48 22.95 -21.01 0.11
C VAL E 48 22.24 -19.98 1.00
N GLU E 49 23.02 -19.18 1.72
CA GLU E 49 22.46 -18.17 2.60
C GLU E 49 22.01 -16.96 1.80
N GLU E 50 22.35 -16.93 0.52
CA GLU E 50 21.96 -15.83 -0.34
C GLU E 50 20.89 -16.26 -1.35
N MET E 51 20.58 -17.56 -1.39
CA MET E 51 19.58 -18.07 -2.31
C MET E 51 18.19 -17.51 -1.99
N VAL E 52 17.50 -17.01 -3.01
CA VAL E 52 16.17 -16.43 -2.83
C VAL E 52 15.04 -17.39 -3.17
N ASP E 53 15.21 -18.22 -4.19
CA ASP E 53 14.18 -19.17 -4.58
C ASP E 53 14.11 -20.29 -3.54
N ILE E 54 13.05 -20.27 -2.72
CA ILE E 54 12.87 -21.28 -1.69
C ILE E 54 12.86 -22.68 -2.29
N GLU E 55 12.32 -22.80 -3.50
CA GLU E 55 12.28 -24.09 -4.18
C GLU E 55 13.72 -24.60 -4.46
N ASP E 56 14.64 -23.69 -4.75
CA ASP E 56 16.03 -24.09 -5.00
C ASP E 56 16.60 -24.62 -3.69
N LEU E 57 16.20 -24.00 -2.57
CA LEU E 57 16.67 -24.45 -1.27
C LEU E 57 16.15 -25.86 -0.97
N ARG E 58 14.86 -26.08 -1.20
CA ARG E 58 14.27 -27.40 -0.93
C ARG E 58 14.88 -28.49 -1.82
N LEU E 59 15.06 -28.19 -3.10
CA LEU E 59 15.65 -29.15 -4.03
C LEU E 59 17.18 -29.20 -3.92
N ARG E 60 17.74 -28.33 -3.07
CA ARG E 60 19.18 -28.26 -2.87
C ARG E 60 19.95 -28.12 -4.17
N LYS E 61 19.52 -27.19 -5.03
CA LYS E 61 20.18 -26.96 -6.31
C LYS E 61 21.47 -26.15 -6.16
N GLU E 62 22.39 -26.35 -7.10
CA GLU E 62 23.63 -25.59 -7.09
C GLU E 62 23.40 -24.56 -8.16
N ILE E 63 23.69 -23.30 -7.88
CA ILE E 63 23.54 -22.27 -8.88
C ILE E 63 24.97 -21.85 -9.21
N LYS E 64 25.56 -22.49 -10.21
CA LYS E 64 26.94 -22.19 -10.60
C LYS E 64 27.19 -22.03 -12.10
N GLY E 65 28.29 -21.35 -12.39
CA GLY E 65 28.71 -21.10 -13.76
C GLY E 65 30.05 -20.41 -13.63
N ASP E 66 30.92 -20.53 -14.62
CA ASP E 66 32.22 -19.87 -14.53
C ASP E 66 32.22 -18.53 -15.26
N ASP E 67 31.28 -18.36 -16.18
CA ASP E 67 31.21 -17.12 -16.95
C ASP E 67 29.76 -16.79 -17.31
N MET E 68 29.26 -15.70 -16.72
CA MET E 68 27.87 -15.29 -16.93
C MET E 68 27.72 -13.77 -16.98
N VAL E 69 26.73 -13.31 -17.73
CA VAL E 69 26.42 -11.88 -17.82
C VAL E 69 25.30 -11.67 -16.77
N HIS E 70 25.55 -10.81 -15.79
CA HIS E 70 24.59 -10.57 -14.72
C HIS E 70 23.85 -9.23 -14.84
N TYR E 71 22.58 -9.24 -14.49
CA TYR E 71 21.79 -8.01 -14.50
C TYR E 71 21.19 -7.85 -13.13
N ILE E 72 21.50 -6.74 -12.48
CA ILE E 72 20.95 -6.49 -11.16
C ILE E 72 20.13 -5.24 -11.22
N LEU E 73 18.83 -5.43 -11.01
CA LEU E 73 17.89 -4.35 -11.06
C LEU E 73 17.28 -4.00 -9.70
N GLU E 74 17.18 -2.71 -9.42
CA GLU E 74 16.55 -2.26 -8.18
C GLU E 74 15.61 -1.09 -8.48
N LEU E 75 14.37 -1.25 -8.05
CA LEU E 75 13.36 -0.24 -8.26
C LEU E 75 12.67 0.12 -6.95
N PHE E 76 12.74 1.40 -6.62
CA PHE E 76 12.14 1.88 -5.40
C PHE E 76 10.69 2.24 -5.64
N TRP E 77 9.91 1.19 -5.87
CA TRP E 77 8.48 1.30 -6.12
C TRP E 77 7.87 0.60 -4.94
N HIS E 78 6.56 0.39 -4.97
CA HIS E 78 5.91 -0.30 -3.86
C HIS E 78 6.51 -1.71 -3.85
N PRO E 79 7.10 -2.15 -2.72
CA PRO E 79 7.69 -3.48 -2.66
C PRO E 79 6.64 -4.60 -2.71
N ASP E 80 6.00 -4.73 -3.87
CA ASP E 80 4.95 -5.71 -4.09
C ASP E 80 5.50 -6.94 -4.83
N ILE E 81 5.37 -8.14 -4.25
CA ILE E 81 5.90 -9.33 -4.91
C ILE E 81 5.29 -9.56 -6.31
N LEU E 82 4.00 -9.29 -6.48
CA LEU E 82 3.37 -9.47 -7.80
C LEU E 82 3.99 -8.52 -8.83
N LEU E 83 4.32 -7.31 -8.41
CA LEU E 83 4.94 -6.33 -9.30
C LEU E 83 6.32 -6.84 -9.68
N ALA E 84 7.06 -7.33 -8.69
CA ALA E 84 8.41 -7.85 -8.93
C ALA E 84 8.36 -9.01 -9.95
N SER E 85 7.44 -9.94 -9.74
CA SER E 85 7.30 -11.10 -10.61
C SER E 85 6.87 -10.71 -12.03
N SER E 86 5.90 -9.81 -12.13
CA SER E 86 5.43 -9.39 -13.46
C SER E 86 6.58 -8.75 -14.22
N LEU E 87 7.14 -7.70 -13.64
CA LEU E 87 8.25 -6.97 -14.23
C LEU E 87 9.41 -7.87 -14.64
N GLN E 88 9.74 -8.84 -13.80
CA GLN E 88 10.83 -9.76 -14.12
C GLN E 88 10.56 -10.55 -15.40
N LYS E 89 9.33 -11.02 -15.57
CA LYS E 89 9.04 -11.78 -16.76
C LYS E 89 8.88 -10.91 -18.01
N LEU E 90 8.59 -9.63 -17.82
CA LEU E 90 8.47 -8.72 -18.94
C LEU E 90 9.87 -8.50 -19.49
N LEU E 91 10.85 -8.37 -18.59
CA LEU E 91 12.22 -8.15 -19.00
C LEU E 91 12.83 -9.38 -19.69
N ILE E 92 12.55 -10.58 -19.17
CA ILE E 92 13.06 -11.81 -19.78
C ILE E 92 12.44 -11.91 -21.16
N ALA E 93 11.17 -11.52 -21.27
CA ALA E 93 10.49 -11.56 -22.55
C ALA E 93 11.18 -10.61 -23.52
N ARG E 94 11.56 -9.42 -23.06
CA ARG E 94 12.24 -8.48 -23.95
C ARG E 94 13.58 -9.04 -24.41
N LEU E 95 14.31 -9.69 -23.50
CA LEU E 95 15.60 -10.30 -23.83
C LEU E 95 15.39 -11.37 -24.90
N VAL E 96 14.26 -12.05 -24.85
CA VAL E 96 13.97 -13.10 -25.81
C VAL E 96 13.76 -12.47 -27.19
N GLU E 97 12.95 -11.42 -27.24
CA GLU E 97 12.70 -10.69 -28.48
C GLU E 97 14.04 -10.21 -29.07
N LEU E 98 14.92 -9.75 -28.20
CA LEU E 98 16.22 -9.25 -28.61
C LEU E 98 17.13 -10.31 -29.25
N LEU E 99 17.04 -11.55 -28.77
CA LEU E 99 17.86 -12.61 -29.32
C LEU E 99 17.44 -12.91 -30.75
N TRP E 100 16.18 -12.61 -31.06
CA TRP E 100 15.68 -12.82 -32.41
C TRP E 100 16.38 -11.91 -33.42
N ASN E 101 16.71 -10.70 -33.00
CA ASN E 101 17.40 -9.75 -33.89
C ASN E 101 18.85 -10.17 -34.06
N TYR E 102 19.21 -11.27 -33.41
CA TYR E 102 20.54 -11.82 -33.51
C TYR E 102 20.41 -13.12 -34.31
N GLY E 103 19.20 -13.37 -34.82
CA GLY E 103 18.95 -14.56 -35.60
C GLY E 103 18.79 -15.85 -34.81
N ILE E 104 18.45 -15.73 -33.53
CA ILE E 104 18.28 -16.90 -32.67
C ILE E 104 16.83 -17.26 -32.39
N GLU E 105 16.48 -18.52 -32.62
CA GLU E 105 15.11 -18.97 -32.38
C GLU E 105 14.94 -19.33 -30.91
N ALA E 106 14.92 -18.30 -30.05
CA ALA E 106 14.78 -18.51 -28.62
C ALA E 106 13.32 -18.40 -28.16
N SER E 107 13.00 -19.08 -27.07
CA SER E 107 11.65 -19.07 -26.52
C SER E 107 11.66 -18.82 -25.02
N ARG E 108 10.48 -18.62 -24.43
CA ARG E 108 10.38 -18.33 -23.01
C ARG E 108 9.47 -19.26 -22.22
N ARG E 109 9.96 -19.77 -21.10
CA ARG E 109 9.17 -20.63 -20.23
C ARG E 109 9.16 -19.92 -18.88
N GLY E 110 8.15 -19.08 -18.69
CA GLY E 110 8.03 -18.31 -17.47
C GLY E 110 9.09 -17.24 -17.45
N ASP E 111 10.08 -17.41 -16.57
CA ASP E 111 11.18 -16.46 -16.46
C ASP E 111 12.49 -17.08 -16.97
N ASP E 112 12.38 -18.20 -17.68
CA ASP E 112 13.55 -18.88 -18.23
C ASP E 112 13.61 -18.78 -19.75
N ILE E 113 14.81 -18.53 -20.26
CA ILE E 113 15.05 -18.42 -21.69
C ILE E 113 15.63 -19.74 -22.21
N TYR E 114 15.02 -20.27 -23.27
CA TYR E 114 15.47 -21.52 -23.88
C TYR E 114 15.77 -21.37 -25.36
N VAL E 115 16.75 -22.13 -25.81
CA VAL E 115 17.15 -22.14 -27.22
C VAL E 115 17.40 -23.61 -27.56
N ASN E 116 16.61 -24.14 -28.49
CA ASN E 116 16.74 -25.53 -28.90
C ASN E 116 16.66 -26.44 -27.67
N GLY E 117 15.61 -26.24 -26.88
CA GLY E 117 15.40 -27.05 -25.68
C GLY E 117 16.43 -26.94 -24.57
N ARG E 118 17.41 -26.04 -24.73
CA ARG E 118 18.46 -25.86 -23.74
C ARG E 118 18.33 -24.51 -23.00
N LYS E 119 18.53 -24.54 -21.68
CA LYS E 119 18.39 -23.34 -20.86
C LYS E 119 19.60 -22.41 -20.91
N LEU E 120 19.35 -21.15 -21.29
CA LEU E 120 20.37 -20.13 -21.40
C LEU E 120 20.53 -19.26 -20.15
N SER E 121 19.44 -19.10 -19.40
CA SER E 121 19.43 -18.19 -18.26
C SER E 121 19.00 -18.72 -16.88
N ILE E 122 19.10 -17.81 -15.92
CA ILE E 122 18.65 -18.02 -14.55
C ILE E 122 18.14 -16.63 -14.14
N SER E 123 17.17 -16.61 -13.24
CA SER E 123 16.60 -15.33 -12.83
C SER E 123 15.80 -15.47 -11.55
N ILE E 124 15.60 -14.35 -10.89
CA ILE E 124 14.82 -14.35 -9.68
C ILE E 124 14.34 -12.94 -9.41
N ALA E 125 13.12 -12.83 -8.89
CA ALA E 125 12.53 -11.54 -8.56
C ALA E 125 12.00 -11.56 -7.14
N THR E 126 12.26 -10.51 -6.37
CA THR E 126 11.77 -10.46 -5.02
C THR E 126 11.72 -9.03 -4.49
N VAL E 127 11.51 -8.88 -3.19
CA VAL E 127 11.45 -7.54 -2.63
C VAL E 127 12.19 -7.47 -1.32
N SER E 128 12.45 -6.25 -0.91
CA SER E 128 13.10 -5.93 0.36
C SER E 128 12.09 -4.98 1.02
N PRO E 129 12.29 -4.64 2.30
CA PRO E 129 11.30 -3.73 2.88
C PRO E 129 11.14 -2.41 2.12
N VAL E 130 12.15 -2.01 1.34
CA VAL E 130 12.06 -0.73 0.63
C VAL E 130 12.21 -0.74 -0.89
N SER E 131 12.28 -1.92 -1.51
CA SER E 131 12.46 -1.93 -2.95
C SER E 131 12.24 -3.28 -3.62
N ILE E 132 12.19 -3.25 -4.95
CA ILE E 132 12.05 -4.43 -5.78
C ILE E 132 13.45 -4.77 -6.26
N LYS E 133 13.82 -6.04 -6.18
CA LYS E 133 15.13 -6.50 -6.58
C LYS E 133 15.05 -7.67 -7.53
N ILE E 134 15.67 -7.52 -8.70
CA ILE E 134 15.67 -8.54 -9.74
C ILE E 134 17.06 -8.94 -10.25
N HIS E 135 17.27 -10.23 -10.47
CA HIS E 135 18.53 -10.69 -11.04
C HIS E 135 18.28 -11.50 -12.29
N ILE E 136 19.09 -11.28 -13.31
CA ILE E 136 19.00 -12.06 -14.53
C ILE E 136 20.42 -12.45 -14.83
N GLY E 137 20.61 -13.71 -15.24
CA GLY E 137 21.94 -14.19 -15.56
C GLY E 137 21.88 -14.96 -16.86
N LEU E 138 22.83 -14.69 -17.75
CA LEU E 138 22.88 -15.39 -19.03
C LEU E 138 24.24 -16.06 -19.13
N ASN E 139 24.23 -17.37 -19.37
CA ASN E 139 25.49 -18.13 -19.52
C ASN E 139 26.27 -17.57 -20.71
N VAL E 140 27.57 -17.32 -20.50
CA VAL E 140 28.43 -16.89 -21.60
C VAL E 140 28.92 -18.24 -22.17
N LYS E 141 29.39 -19.09 -21.26
CA LYS E 141 29.87 -20.43 -21.56
C LYS E 141 29.00 -21.38 -20.70
N THR E 142 29.07 -22.68 -20.95
CA THR E 142 28.31 -23.62 -20.13
C THR E 142 29.30 -24.39 -19.27
N VAL E 143 30.49 -23.83 -19.12
CA VAL E 143 31.53 -24.44 -18.29
C VAL E 143 31.22 -24.09 -16.84
N GLY E 144 31.51 -24.99 -15.93
CA GLY E 144 31.25 -24.74 -14.52
C GLY E 144 29.80 -24.92 -14.11
N VAL E 145 28.92 -25.03 -15.11
CA VAL E 145 27.50 -25.20 -14.84
C VAL E 145 27.25 -26.62 -14.35
N PRO E 146 26.49 -26.76 -13.25
CA PRO E 146 26.19 -28.09 -12.71
C PRO E 146 25.45 -28.96 -13.72
N PRO E 147 25.87 -30.23 -13.85
CA PRO E 147 25.23 -31.15 -14.78
C PRO E 147 23.81 -31.50 -14.40
N GLY E 148 23.03 -31.84 -15.42
CA GLY E 148 21.64 -32.20 -15.25
C GLY E 148 20.87 -31.60 -16.42
N VAL E 149 20.44 -30.34 -16.25
CA VAL E 149 19.69 -29.61 -17.25
C VAL E 149 20.65 -29.19 -18.38
N ASP E 150 20.22 -29.35 -19.63
CA ASP E 150 21.05 -28.98 -20.80
C ASP E 150 21.14 -27.47 -20.91
N ALA E 151 22.33 -26.91 -20.70
CA ALA E 151 22.52 -25.47 -20.80
C ALA E 151 23.21 -25.03 -22.08
N ILE E 152 22.96 -23.78 -22.46
CA ILE E 152 23.55 -23.22 -23.66
C ILE E 152 24.06 -21.82 -23.29
N GLY E 153 25.19 -21.42 -23.88
CA GLY E 153 25.77 -20.11 -23.60
C GLY E 153 25.73 -19.16 -24.78
N LEU E 154 26.11 -17.90 -24.56
CA LEU E 154 26.09 -16.90 -25.62
C LEU E 154 27.13 -17.19 -26.71
N GLU E 155 28.28 -17.70 -26.30
CA GLU E 155 29.34 -18.03 -27.26
C GLU E 155 28.85 -19.03 -28.32
N GLU E 156 28.34 -20.17 -27.87
CA GLU E 156 27.84 -21.18 -28.79
C GLU E 156 26.80 -20.58 -29.76
N LEU E 157 26.12 -19.51 -29.34
CA LEU E 157 25.13 -18.88 -30.20
C LEU E 157 25.79 -17.86 -31.12
N GLY E 158 27.11 -17.69 -30.95
CA GLY E 158 27.84 -16.74 -31.78
C GLY E 158 27.54 -15.29 -31.45
N ILE E 159 27.26 -15.01 -30.18
CA ILE E 159 26.98 -13.65 -29.75
C ILE E 159 28.14 -13.17 -28.89
N ASP E 160 28.53 -11.92 -29.08
CA ASP E 160 29.63 -11.33 -28.31
C ASP E 160 29.10 -10.78 -26.99
N PRO E 161 29.59 -11.31 -25.85
CA PRO E 161 29.17 -10.88 -24.52
C PRO E 161 29.13 -9.36 -24.38
N THR E 162 30.27 -8.71 -24.62
CA THR E 162 30.41 -7.26 -24.53
C THR E 162 29.35 -6.49 -25.31
N GLU E 163 29.22 -6.78 -26.60
CA GLU E 163 28.25 -6.07 -27.41
C GLU E 163 26.81 -6.37 -26.96
N PHE E 164 26.55 -7.61 -26.57
CA PHE E 164 25.20 -7.96 -26.13
C PHE E 164 24.87 -7.17 -24.85
N MET E 165 25.81 -7.15 -23.92
CA MET E 165 25.67 -6.43 -22.66
C MET E 165 25.20 -4.99 -22.92
N GLU E 166 25.86 -4.33 -23.87
CA GLU E 166 25.52 -2.95 -24.24
C GLU E 166 24.12 -2.80 -24.84
N ARG E 167 23.79 -3.64 -25.82
CA ARG E 167 22.48 -3.53 -26.48
C ARG E 167 21.30 -3.98 -25.64
N SER E 168 21.49 -5.04 -24.87
CA SER E 168 20.42 -5.55 -24.03
C SER E 168 20.18 -4.63 -22.84
N ALA E 169 21.24 -4.00 -22.32
CA ALA E 169 21.07 -3.07 -21.20
C ALA E 169 20.18 -1.92 -21.60
N LYS E 170 20.41 -1.38 -22.80
CA LYS E 170 19.63 -0.27 -23.34
C LYS E 170 18.18 -0.72 -23.56
N ALA E 171 18.00 -1.97 -24.01
CA ALA E 171 16.68 -2.53 -24.27
C ALA E 171 15.84 -2.62 -22.99
N LEU E 172 16.48 -3.04 -21.90
CA LEU E 172 15.80 -3.18 -20.62
C LEU E 172 15.48 -1.83 -19.99
N VAL E 173 16.38 -0.87 -20.10
CA VAL E 173 16.11 0.45 -19.56
C VAL E 173 14.91 1.04 -20.28
N GLU E 174 14.88 0.91 -21.60
CA GLU E 174 13.76 1.44 -22.39
C GLU E 174 12.46 0.75 -21.99
N GLU E 175 12.54 -0.54 -21.69
CA GLU E 175 11.36 -1.31 -21.31
C GLU E 175 10.79 -0.73 -20.03
N ILE E 176 11.65 -0.53 -19.05
CA ILE E 176 11.23 0.00 -17.77
C ILE E 176 10.64 1.40 -17.89
N GLU E 177 11.30 2.27 -18.68
CA GLU E 177 10.83 3.63 -18.86
C GLU E 177 9.48 3.72 -19.59
N LYS E 178 9.19 2.74 -20.45
CA LYS E 178 7.90 2.74 -21.12
C LYS E 178 6.86 2.23 -20.12
N VAL E 179 7.26 1.33 -19.21
CA VAL E 179 6.34 0.84 -18.19
C VAL E 179 5.90 1.98 -17.27
N ARG E 180 6.83 2.88 -17.01
CA ARG E 180 6.59 4.03 -16.14
C ARG E 180 5.78 5.08 -16.87
N LYS E 181 6.16 5.37 -18.11
CA LYS E 181 5.43 6.37 -18.88
C LYS E 181 3.99 5.97 -19.13
N ASP E 182 3.75 4.71 -19.45
CA ASP E 182 2.39 4.24 -19.70
C ASP E 182 1.50 4.32 -18.46
N SER E 183 2.10 4.14 -17.29
CA SER E 183 1.32 4.17 -16.06
C SER E 183 0.85 5.58 -15.72
N LEU E 184 1.61 6.56 -16.18
CA LEU E 184 1.31 7.96 -15.92
C LEU E 184 0.33 8.67 -16.86
N LYS E 185 0.08 8.10 -18.03
CA LYS E 185 -0.81 8.77 -18.97
C LYS E 185 -2.21 8.19 -19.10
N VAL E 186 -2.61 7.37 -18.13
CA VAL E 186 -3.93 6.77 -18.17
C VAL E 186 -4.79 7.25 -17.02
N ARG E 187 -6.06 7.52 -17.28
CA ARG E 187 -6.93 7.95 -16.20
C ARG E 187 -7.41 6.73 -15.48
N TRP E 188 -7.81 6.90 -14.22
CA TRP E 188 -8.31 5.77 -13.47
C TRP E 188 -9.76 5.59 -13.88
N VAL E 189 -10.31 4.41 -13.63
CA VAL E 189 -11.68 4.13 -14.01
C VAL E 189 -12.53 3.74 -12.83
N THR E 190 -13.80 4.08 -12.90
CA THR E 190 -14.75 3.74 -11.84
C THR E 190 -15.04 2.26 -11.90
N SER F 3 -7.25 -19.72 -8.09
CA SER F 3 -6.78 -19.59 -9.50
C SER F 3 -7.34 -18.34 -10.19
N MET F 4 -7.93 -18.52 -11.37
CA MET F 4 -8.47 -17.41 -12.15
C MET F 4 -9.58 -17.88 -13.10
N GLU F 5 -10.68 -17.14 -13.14
CA GLU F 5 -11.84 -17.47 -13.98
C GLU F 5 -11.66 -17.05 -15.45
N LEU F 6 -11.86 -17.99 -16.37
CA LEU F 6 -11.75 -17.65 -17.79
C LEU F 6 -13.09 -17.89 -18.48
N LEU F 7 -13.56 -16.89 -19.21
CA LEU F 7 -14.83 -17.01 -19.91
C LEU F 7 -14.66 -16.56 -21.35
N ILE F 8 -14.67 -17.52 -22.26
CA ILE F 8 -14.57 -17.23 -23.70
C ILE F 8 -15.98 -17.21 -24.26
N ILE F 9 -16.43 -16.07 -24.76
CA ILE F 9 -17.77 -15.97 -25.33
C ILE F 9 -17.74 -16.41 -26.80
N LYS F 10 -18.18 -17.64 -27.05
CA LYS F 10 -18.19 -18.22 -28.39
C LYS F 10 -19.51 -18.11 -29.15
N GLU F 11 -20.62 -18.22 -28.42
CA GLU F 11 -21.95 -18.17 -28.99
C GLU F 11 -22.31 -16.90 -29.77
N ARG F 12 -22.44 -15.80 -29.05
CA ARG F 12 -22.82 -14.50 -29.63
C ARG F 12 -21.61 -13.57 -29.70
N ARG F 13 -21.83 -12.38 -30.23
CA ARG F 13 -20.77 -11.39 -30.29
C ARG F 13 -21.09 -10.26 -29.32
N ILE F 14 -20.07 -9.50 -28.97
CA ILE F 14 -20.22 -8.40 -28.04
C ILE F 14 -19.33 -7.25 -28.48
N ASP F 15 -19.93 -6.08 -28.61
CA ASP F 15 -19.19 -4.90 -29.02
C ASP F 15 -18.53 -4.21 -27.81
N TYR F 16 -17.41 -3.57 -28.08
CA TYR F 16 -16.66 -2.86 -27.06
C TYR F 16 -16.76 -1.35 -27.31
N ASP F 17 -17.42 -0.63 -26.42
CA ASP F 17 -17.54 0.82 -26.55
C ASP F 17 -16.54 1.48 -25.58
N GLY F 18 -15.87 0.66 -24.77
CA GLY F 18 -14.91 1.15 -23.81
C GLY F 18 -15.32 0.99 -22.35
N SER F 19 -16.62 0.76 -22.12
CA SER F 19 -17.18 0.61 -20.79
C SER F 19 -16.85 -0.73 -20.13
N ALA F 20 -16.36 -1.67 -20.91
CA ALA F 20 -16.03 -2.97 -20.34
C ALA F 20 -14.79 -2.86 -19.43
N ILE F 21 -14.07 -1.74 -19.55
CA ILE F 21 -12.87 -1.50 -18.76
C ILE F 21 -13.24 -1.17 -17.31
N ARG F 22 -14.51 -0.92 -17.06
CA ARG F 22 -14.95 -0.59 -15.71
C ARG F 22 -14.77 -1.71 -14.67
N SER F 23 -14.75 -1.33 -13.41
CA SER F 23 -14.54 -2.32 -12.35
C SER F 23 -15.75 -3.22 -12.16
N HIS F 24 -15.48 -4.48 -11.84
CA HIS F 24 -16.53 -5.48 -11.62
C HIS F 24 -17.37 -5.77 -12.86
N TRP F 25 -16.87 -5.37 -14.03
CA TRP F 25 -17.59 -5.60 -15.28
C TRP F 25 -17.94 -7.07 -15.47
N ALA F 26 -16.94 -7.93 -15.36
CA ALA F 26 -17.16 -9.36 -15.53
C ALA F 26 -18.13 -9.95 -14.51
N TYR F 27 -18.09 -9.43 -13.29
CA TYR F 27 -18.97 -9.95 -12.25
C TYR F 27 -20.42 -9.48 -12.35
N ARG F 28 -20.61 -8.22 -12.75
CA ARG F 28 -21.96 -7.68 -12.91
C ARG F 28 -22.61 -8.30 -14.13
N ASN F 29 -21.85 -8.45 -15.20
CA ASN F 29 -22.39 -9.00 -16.44
C ASN F 29 -22.43 -10.51 -16.58
N PHE F 30 -21.45 -11.22 -16.04
CA PHE F 30 -21.42 -12.66 -16.19
C PHE F 30 -21.45 -13.45 -14.90
N GLY F 31 -21.42 -12.75 -13.77
CA GLY F 31 -21.45 -13.45 -12.49
C GLY F 31 -20.12 -14.08 -12.14
N ILE F 32 -19.07 -13.69 -12.86
CA ILE F 32 -17.74 -14.22 -12.59
C ILE F 32 -17.10 -13.41 -11.47
N LEU F 33 -16.90 -14.07 -10.32
CA LEU F 33 -16.31 -13.47 -9.12
C LEU F 33 -14.78 -13.60 -9.04
N GLY F 34 -14.11 -12.52 -8.66
CA GLY F 34 -12.67 -12.54 -8.52
C GLY F 34 -11.87 -12.30 -9.78
N ASP F 35 -10.57 -12.59 -9.73
CA ASP F 35 -9.70 -12.39 -10.89
C ASP F 35 -10.28 -13.09 -12.11
N SER F 36 -10.32 -12.40 -13.23
CA SER F 36 -10.90 -13.01 -14.42
C SER F 36 -10.43 -12.45 -15.74
N LEU F 37 -10.58 -13.28 -16.77
CA LEU F 37 -10.23 -12.90 -18.12
C LEU F 37 -11.47 -13.25 -18.94
N VAL F 38 -12.00 -12.27 -19.65
CA VAL F 38 -13.16 -12.50 -20.51
C VAL F 38 -12.75 -12.16 -21.93
N VAL F 39 -12.76 -13.16 -22.79
CA VAL F 39 -12.37 -12.95 -24.18
C VAL F 39 -13.61 -13.09 -25.05
N PHE F 40 -13.83 -12.09 -25.90
CA PHE F 40 -14.98 -12.11 -26.81
C PHE F 40 -14.62 -11.45 -28.15
N ARG F 41 -15.52 -11.57 -29.12
CA ARG F 41 -15.28 -11.00 -30.44
C ARG F 41 -16.37 -10.01 -30.82
N GLY F 42 -15.97 -8.90 -31.45
CA GLY F 42 -16.95 -7.89 -31.84
C GLY F 42 -16.36 -6.63 -32.43
N LYS F 43 -17.19 -5.59 -32.50
CA LYS F 43 -16.79 -4.30 -33.05
C LYS F 43 -16.13 -3.41 -32.03
N CYS F 44 -15.30 -2.51 -32.52
CA CYS F 44 -14.59 -1.57 -31.67
C CYS F 44 -14.98 -0.14 -32.01
N ASN F 45 -15.74 0.47 -31.10
CA ASN F 45 -16.18 1.86 -31.26
C ASN F 45 -16.08 2.52 -29.88
N VAL F 46 -14.90 3.04 -29.55
CA VAL F 46 -14.71 3.62 -28.23
C VAL F 46 -15.20 5.07 -28.02
N LYS F 47 -16.19 5.22 -27.15
CA LYS F 47 -16.74 6.53 -26.80
C LYS F 47 -15.70 7.40 -26.10
N VAL F 48 -15.59 8.65 -26.54
CA VAL F 48 -14.63 9.60 -25.98
C VAL F 48 -14.74 9.74 -24.47
N GLU F 49 -15.96 9.64 -23.93
CA GLU F 49 -16.13 9.77 -22.49
C GLU F 49 -15.65 8.53 -21.75
N GLU F 50 -15.11 7.55 -22.47
CA GLU F 50 -14.63 6.34 -21.82
C GLU F 50 -13.24 5.93 -22.30
N MET F 51 -12.57 6.84 -22.99
CA MET F 51 -11.22 6.59 -23.45
C MET F 51 -10.36 6.77 -22.18
N VAL F 52 -9.41 5.87 -21.98
CA VAL F 52 -8.54 5.92 -20.81
C VAL F 52 -7.22 6.61 -21.15
N ASP F 53 -6.70 6.35 -22.34
CA ASP F 53 -5.44 6.96 -22.76
C ASP F 53 -5.63 8.47 -22.98
N ILE F 54 -5.17 9.25 -22.02
CA ILE F 54 -5.32 10.69 -22.08
C ILE F 54 -4.59 11.32 -23.27
N GLU F 55 -3.60 10.62 -23.78
CA GLU F 55 -2.86 11.12 -24.92
C GLU F 55 -3.78 11.00 -26.13
N ASP F 56 -4.66 10.01 -26.10
CA ASP F 56 -5.61 9.83 -27.18
C ASP F 56 -6.60 10.99 -27.18
N LEU F 57 -6.97 11.45 -25.99
CA LEU F 57 -7.90 12.56 -25.87
C LEU F 57 -7.24 13.82 -26.40
N ARG F 58 -5.96 13.99 -26.07
CA ARG F 58 -5.21 15.16 -26.50
C ARG F 58 -4.98 15.19 -28.01
N LEU F 59 -4.86 14.02 -28.61
CA LEU F 59 -4.65 13.93 -30.04
C LEU F 59 -5.98 13.74 -30.77
N ARG F 60 -7.06 13.72 -29.99
CA ARG F 60 -8.41 13.55 -30.50
C ARG F 60 -8.46 12.34 -31.44
N LYS F 61 -7.80 11.26 -31.05
CA LYS F 61 -7.78 10.06 -31.86
C LYS F 61 -9.05 9.25 -31.85
N GLU F 62 -9.26 8.50 -32.91
CA GLU F 62 -10.44 7.64 -33.06
C GLU F 62 -10.00 6.21 -32.83
N ILE F 63 -10.82 5.48 -32.08
CA ILE F 63 -10.55 4.08 -31.77
C ILE F 63 -11.73 3.24 -32.31
N LYS F 64 -11.65 2.95 -33.62
CA LYS F 64 -12.65 2.21 -34.41
C LYS F 64 -12.13 0.93 -35.07
N GLY F 65 -13.04 -0.03 -35.23
CA GLY F 65 -12.73 -1.31 -35.85
C GLY F 65 -14.04 -2.07 -35.99
N ASP F 66 -14.22 -2.76 -37.11
CA ASP F 66 -15.45 -3.50 -37.34
C ASP F 66 -15.45 -4.89 -36.74
N ASP F 67 -14.30 -5.56 -36.77
CA ASP F 67 -14.20 -6.91 -36.24
C ASP F 67 -12.90 -7.00 -35.44
N MET F 68 -13.03 -7.23 -34.13
CA MET F 68 -11.86 -7.31 -33.26
C MET F 68 -12.04 -8.36 -32.16
N VAL F 69 -10.93 -8.99 -31.76
CA VAL F 69 -10.98 -9.99 -30.66
C VAL F 69 -10.63 -9.17 -29.42
N HIS F 70 -11.55 -9.13 -28.46
CA HIS F 70 -11.35 -8.36 -27.23
C HIS F 70 -10.97 -9.16 -25.98
N TYR F 71 -9.98 -8.67 -25.23
CA TYR F 71 -9.56 -9.31 -23.98
C TYR F 71 -9.72 -8.29 -22.84
N ILE F 72 -10.62 -8.61 -21.90
CA ILE F 72 -10.87 -7.75 -20.75
C ILE F 72 -10.43 -8.45 -19.47
N LEU F 73 -9.30 -8.02 -18.95
CA LEU F 73 -8.74 -8.63 -17.76
C LEU F 73 -8.96 -7.78 -16.50
N GLU F 74 -9.47 -8.40 -15.44
CA GLU F 74 -9.63 -7.71 -14.17
C GLU F 74 -8.99 -8.53 -13.03
N LEU F 75 -8.06 -7.89 -12.31
CA LEU F 75 -7.37 -8.55 -11.20
C LEU F 75 -7.54 -7.81 -9.89
N PHE F 76 -8.05 -8.49 -8.88
CA PHE F 76 -8.22 -7.83 -7.61
C PHE F 76 -6.95 -7.95 -6.77
N TRP F 77 -5.93 -7.22 -7.22
CA TRP F 77 -4.61 -7.14 -6.60
C TRP F 77 -4.48 -5.68 -6.16
N HIS F 78 -3.34 -5.29 -5.61
CA HIS F 78 -3.17 -3.89 -5.18
C HIS F 78 -3.32 -3.02 -6.43
N PRO F 79 -4.15 -1.97 -6.38
CA PRO F 79 -4.35 -1.09 -7.54
C PRO F 79 -3.16 -0.18 -7.86
N ASP F 80 -2.02 -0.78 -8.21
CA ASP F 80 -0.82 -0.04 -8.54
C ASP F 80 -0.74 0.19 -10.06
N ILE F 81 -0.71 1.45 -10.50
CA ILE F 81 -0.63 1.72 -11.94
C ILE F 81 0.62 1.11 -12.57
N LEU F 82 1.68 0.96 -11.77
CA LEU F 82 2.90 0.39 -12.30
C LEU F 82 2.71 -1.12 -12.50
N LEU F 83 1.91 -1.72 -11.64
CA LEU F 83 1.64 -3.15 -11.77
C LEU F 83 0.79 -3.37 -13.01
N ALA F 84 -0.23 -2.53 -13.19
CA ALA F 84 -1.11 -2.59 -14.35
C ALA F 84 -0.26 -2.53 -15.63
N SER F 85 0.52 -1.46 -15.74
CA SER F 85 1.39 -1.25 -16.87
C SER F 85 2.29 -2.48 -17.16
N SER F 86 3.03 -2.92 -16.14
CA SER F 86 3.93 -4.07 -16.26
C SER F 86 3.26 -5.32 -16.79
N LEU F 87 2.18 -5.68 -16.11
CA LEU F 87 1.43 -6.86 -16.47
C LEU F 87 0.94 -6.79 -17.91
N GLN F 88 0.36 -5.65 -18.27
CA GLN F 88 -0.17 -5.45 -19.62
C GLN F 88 0.87 -5.78 -20.70
N LYS F 89 2.06 -5.22 -20.58
CA LYS F 89 3.10 -5.48 -21.58
C LYS F 89 3.67 -6.89 -21.53
N LEU F 90 3.49 -7.56 -20.40
CA LEU F 90 3.97 -8.92 -20.29
C LEU F 90 2.99 -9.78 -21.08
N LEU F 91 1.70 -9.48 -20.97
CA LEU F 91 0.70 -10.24 -21.70
C LEU F 91 0.87 -10.00 -23.21
N ILE F 92 1.12 -8.76 -23.60
CA ILE F 92 1.30 -8.45 -25.01
C ILE F 92 2.52 -9.18 -25.57
N ALA F 93 3.53 -9.34 -24.72
CA ALA F 93 4.75 -10.06 -25.08
C ALA F 93 4.43 -11.53 -25.27
N ARG F 94 3.49 -12.04 -24.49
CA ARG F 94 3.11 -13.44 -24.61
C ARG F 94 2.42 -13.68 -25.94
N LEU F 95 1.53 -12.77 -26.31
CA LEU F 95 0.80 -12.86 -27.57
C LEU F 95 1.77 -12.80 -28.73
N VAL F 96 2.74 -11.88 -28.67
CA VAL F 96 3.72 -11.78 -29.73
C VAL F 96 4.49 -13.09 -29.88
N GLU F 97 4.78 -13.73 -28.75
CA GLU F 97 5.49 -15.00 -28.77
C GLU F 97 4.58 -16.06 -29.38
N LEU F 98 3.31 -16.00 -29.01
CA LEU F 98 2.34 -16.97 -29.50
C LEU F 98 2.20 -16.89 -31.02
N LEU F 99 2.22 -15.68 -31.56
CA LEU F 99 2.12 -15.49 -33.00
C LEU F 99 3.27 -16.18 -33.73
N TRP F 100 4.42 -16.28 -33.09
CA TRP F 100 5.57 -16.96 -33.70
C TRP F 100 5.26 -18.43 -33.98
N ASN F 101 4.50 -19.06 -33.09
CA ASN F 101 4.16 -20.47 -33.26
C ASN F 101 3.17 -20.64 -34.41
N TYR F 102 2.71 -19.53 -34.95
CA TYR F 102 1.80 -19.53 -36.08
C TYR F 102 2.60 -19.21 -37.32
N GLY F 103 3.93 -19.19 -37.19
CA GLY F 103 4.80 -18.90 -38.31
C GLY F 103 4.83 -17.43 -38.67
N ILE F 104 4.30 -16.59 -37.78
CA ILE F 104 4.27 -15.15 -38.02
C ILE F 104 5.44 -14.43 -37.36
N GLU F 105 6.00 -13.46 -38.07
CA GLU F 105 7.15 -12.69 -37.59
C GLU F 105 6.73 -11.42 -36.85
N ALA F 106 6.10 -11.59 -35.69
CA ALA F 106 5.65 -10.46 -34.88
C ALA F 106 6.73 -9.83 -34.02
N SER F 107 6.53 -8.54 -33.73
CA SER F 107 7.44 -7.77 -32.90
C SER F 107 6.58 -6.92 -31.96
N ARG F 108 7.18 -6.43 -30.89
CA ARG F 108 6.48 -5.62 -29.90
C ARG F 108 7.11 -4.26 -29.70
N ARG F 109 6.26 -3.24 -29.58
CA ARG F 109 6.71 -1.88 -29.33
C ARG F 109 5.95 -1.43 -28.09
N GLY F 110 6.51 -1.76 -26.93
CA GLY F 110 5.85 -1.42 -25.68
C GLY F 110 4.64 -2.32 -25.55
N ASP F 111 3.44 -1.75 -25.71
CA ASP F 111 2.21 -2.52 -25.61
C ASP F 111 1.54 -2.75 -26.97
N ASP F 112 2.25 -2.44 -28.05
CA ASP F 112 1.69 -2.64 -29.38
C ASP F 112 2.39 -3.74 -30.16
N ILE F 113 1.59 -4.60 -30.78
CA ILE F 113 2.09 -5.70 -31.59
C ILE F 113 2.18 -5.32 -33.07
N TYR F 114 3.34 -5.57 -33.66
CA TYR F 114 3.58 -5.25 -35.06
C TYR F 114 3.97 -6.47 -35.91
N VAL F 115 3.56 -6.43 -37.17
CA VAL F 115 3.84 -7.47 -38.16
C VAL F 115 4.21 -6.71 -39.43
N ASN F 116 5.48 -6.73 -39.81
CA ASN F 116 5.93 -6.05 -41.00
C ASN F 116 5.49 -4.59 -40.96
N GLY F 117 6.04 -3.84 -40.03
CA GLY F 117 5.71 -2.43 -39.88
C GLY F 117 4.24 -2.06 -39.78
N ARG F 118 3.35 -3.02 -39.53
CA ARG F 118 1.92 -2.70 -39.44
C ARG F 118 1.34 -3.08 -38.06
N LYS F 119 0.50 -2.18 -37.52
CA LYS F 119 -0.12 -2.37 -36.20
C LYS F 119 -1.31 -3.31 -36.16
N LEU F 120 -1.16 -4.38 -35.37
CA LEU F 120 -2.19 -5.40 -35.19
C LEU F 120 -3.10 -5.22 -33.98
N SER F 121 -2.58 -4.55 -32.95
CA SER F 121 -3.30 -4.37 -31.70
C SER F 121 -3.45 -2.96 -31.11
N ILE F 122 -4.38 -2.87 -30.16
CA ILE F 122 -4.62 -1.66 -29.39
C ILE F 122 -4.69 -2.18 -27.96
N SER F 123 -4.17 -1.43 -27.00
CA SER F 123 -4.21 -1.89 -25.62
C SER F 123 -4.11 -0.77 -24.60
N ILE F 124 -4.73 -1.01 -23.44
CA ILE F 124 -4.70 -0.02 -22.37
C ILE F 124 -4.63 -0.77 -21.02
N ALA F 125 -4.03 -0.13 -20.03
CA ALA F 125 -3.92 -0.71 -18.70
C ALA F 125 -4.14 0.37 -17.67
N THR F 126 -5.08 0.15 -16.76
CA THR F 126 -5.34 1.13 -15.73
C THR F 126 -5.85 0.51 -14.43
N VAL F 127 -6.30 1.33 -13.50
CA VAL F 127 -6.80 0.81 -12.23
C VAL F 127 -8.09 1.49 -11.82
N SER F 128 -8.84 0.80 -10.97
CA SER F 128 -10.06 1.34 -10.41
C SER F 128 -9.75 1.44 -8.92
N PRO F 129 -10.66 2.00 -8.12
CA PRO F 129 -10.34 2.08 -6.69
C PRO F 129 -10.17 0.71 -6.04
N VAL F 130 -10.52 -0.37 -6.74
CA VAL F 130 -10.41 -1.70 -6.15
C VAL F 130 -9.73 -2.76 -7.02
N SER F 131 -9.34 -2.41 -8.24
CA SER F 131 -8.74 -3.43 -9.08
C SER F 131 -7.91 -2.90 -10.23
N ILE F 132 -7.28 -3.85 -10.92
CA ILE F 132 -6.45 -3.58 -12.08
C ILE F 132 -7.28 -4.04 -13.28
N LYS F 133 -7.37 -3.18 -14.31
CA LYS F 133 -8.15 -3.50 -15.49
C LYS F 133 -7.33 -3.34 -16.76
N ILE F 134 -7.31 -4.40 -17.57
CA ILE F 134 -6.58 -4.36 -18.83
C ILE F 134 -7.45 -4.76 -20.01
N HIS F 135 -7.21 -4.12 -21.15
CA HIS F 135 -7.92 -4.47 -22.37
C HIS F 135 -6.88 -4.63 -23.47
N ILE F 136 -6.98 -5.73 -24.20
CA ILE F 136 -6.11 -5.99 -25.35
C ILE F 136 -7.09 -6.17 -26.50
N GLY F 137 -6.76 -5.61 -27.65
CA GLY F 137 -7.62 -5.71 -28.82
C GLY F 137 -6.81 -6.12 -30.04
N LEU F 138 -7.19 -7.24 -30.65
CA LEU F 138 -6.49 -7.70 -31.84
C LEU F 138 -7.42 -7.55 -33.05
N ASN F 139 -6.91 -6.94 -34.12
CA ASN F 139 -7.72 -6.75 -35.34
C ASN F 139 -8.00 -8.06 -36.05
N VAL F 140 -9.26 -8.36 -36.32
CA VAL F 140 -9.59 -9.56 -37.09
C VAL F 140 -9.55 -9.09 -38.57
N LYS F 141 -10.21 -7.96 -38.82
CA LYS F 141 -10.27 -7.33 -40.13
C LYS F 141 -9.94 -5.83 -40.00
N THR F 142 -9.11 -5.32 -40.91
CA THR F 142 -8.72 -3.90 -40.89
C THR F 142 -9.81 -3.00 -41.45
N VAL F 143 -11.02 -3.51 -41.61
CA VAL F 143 -12.10 -2.68 -42.13
C VAL F 143 -12.69 -1.87 -40.98
N GLY F 144 -12.86 -0.58 -41.19
CA GLY F 144 -13.43 0.27 -40.15
C GLY F 144 -12.40 1.01 -39.32
N VAL F 145 -11.14 0.63 -39.45
CA VAL F 145 -10.08 1.30 -38.69
C VAL F 145 -9.77 2.61 -39.41
N PRO F 146 -9.71 3.72 -38.66
CA PRO F 146 -9.43 5.04 -39.24
C PRO F 146 -8.05 5.14 -39.91
N PRO F 147 -7.96 5.92 -41.00
CA PRO F 147 -6.73 6.13 -41.77
C PRO F 147 -5.63 6.75 -40.91
N GLY F 148 -4.41 6.26 -41.06
CA GLY F 148 -3.32 6.79 -40.27
C GLY F 148 -2.10 5.88 -40.27
N VAL F 149 -2.13 4.86 -39.40
CA VAL F 149 -1.03 3.92 -39.32
C VAL F 149 -1.43 2.70 -40.12
N ASP F 150 -0.52 2.20 -40.95
CA ASP F 150 -0.83 1.02 -41.74
C ASP F 150 -1.17 -0.08 -40.74
N ALA F 151 -2.43 -0.52 -40.75
CA ALA F 151 -2.91 -1.55 -39.84
C ALA F 151 -2.87 -2.96 -40.43
N ILE F 152 -3.10 -3.96 -39.60
CA ILE F 152 -3.09 -5.35 -40.06
C ILE F 152 -4.01 -6.21 -39.19
N GLY F 153 -4.48 -7.33 -39.72
CA GLY F 153 -5.38 -8.19 -38.96
C GLY F 153 -5.07 -9.68 -38.98
N LEU F 154 -5.84 -10.45 -38.21
CA LEU F 154 -5.65 -11.89 -38.11
C LEU F 154 -5.94 -12.58 -39.44
N GLU F 155 -7.08 -12.25 -40.03
CA GLU F 155 -7.50 -12.78 -41.33
C GLU F 155 -6.34 -12.76 -42.32
N GLU F 156 -5.81 -11.56 -42.54
CA GLU F 156 -4.70 -11.40 -43.46
C GLU F 156 -3.49 -12.27 -43.08
N LEU F 157 -3.35 -12.63 -41.80
CA LEU F 157 -2.24 -13.46 -41.37
C LEU F 157 -2.61 -14.93 -41.52
N GLY F 158 -3.88 -15.16 -41.85
CA GLY F 158 -4.39 -16.51 -42.05
C GLY F 158 -4.63 -17.25 -40.75
N ILE F 159 -5.00 -16.51 -39.72
CA ILE F 159 -5.24 -17.10 -38.41
C ILE F 159 -6.72 -17.11 -38.08
N ASP F 160 -7.26 -18.29 -37.83
CA ASP F 160 -8.67 -18.41 -37.49
C ASP F 160 -8.90 -17.76 -36.13
N PRO F 161 -9.75 -16.72 -36.09
CA PRO F 161 -10.06 -16.01 -34.85
C PRO F 161 -10.48 -16.93 -33.71
N THR F 162 -11.47 -17.78 -33.97
CA THR F 162 -11.99 -18.70 -32.96
C THR F 162 -10.92 -19.56 -32.29
N GLU F 163 -10.14 -20.28 -33.09
CA GLU F 163 -9.09 -21.15 -32.56
C GLU F 163 -8.06 -20.34 -31.79
N PHE F 164 -7.71 -19.18 -32.33
CA PHE F 164 -6.74 -18.29 -31.71
C PHE F 164 -7.28 -17.78 -30.37
N MET F 165 -8.57 -17.44 -30.31
CA MET F 165 -9.16 -16.97 -29.06
C MET F 165 -8.96 -18.04 -27.98
N GLU F 166 -9.12 -19.30 -28.38
CA GLU F 166 -8.99 -20.43 -27.47
C GLU F 166 -7.56 -20.61 -26.97
N ARG F 167 -6.61 -20.58 -27.90
CA ARG F 167 -5.22 -20.76 -27.56
C ARG F 167 -4.60 -19.56 -26.85
N SER F 168 -4.94 -18.35 -27.30
CA SER F 168 -4.40 -17.14 -26.70
C SER F 168 -4.86 -16.99 -25.25
N ALA F 169 -6.15 -17.26 -25.02
CA ALA F 169 -6.75 -17.15 -23.69
C ALA F 169 -6.07 -18.06 -22.67
N LYS F 170 -5.81 -19.30 -23.07
CA LYS F 170 -5.15 -20.23 -22.19
C LYS F 170 -3.71 -19.74 -21.91
N ALA F 171 -3.05 -19.18 -22.91
CA ALA F 171 -1.69 -18.69 -22.71
C ALA F 171 -1.65 -17.51 -21.75
N LEU F 172 -2.66 -16.65 -21.81
CA LEU F 172 -2.71 -15.48 -20.94
C LEU F 172 -2.97 -15.89 -19.49
N VAL F 173 -3.97 -16.75 -19.30
CA VAL F 173 -4.32 -17.25 -17.99
C VAL F 173 -3.07 -17.92 -17.40
N GLU F 174 -2.47 -18.78 -18.20
CA GLU F 174 -1.28 -19.51 -17.83
C GLU F 174 -0.16 -18.54 -17.41
N GLU F 175 0.00 -17.46 -18.16
CA GLU F 175 1.04 -16.48 -17.85
C GLU F 175 0.77 -15.82 -16.50
N ILE F 176 -0.51 -15.50 -16.24
CA ILE F 176 -0.88 -14.84 -14.99
C ILE F 176 -0.65 -15.76 -13.80
N GLU F 177 -0.89 -17.05 -13.95
CA GLU F 177 -0.67 -17.98 -12.84
C GLU F 177 0.81 -18.10 -12.50
N LYS F 178 1.67 -18.18 -13.51
CA LYS F 178 3.11 -18.28 -13.25
C LYS F 178 3.58 -16.99 -12.57
N VAL F 179 2.97 -15.86 -12.92
CA VAL F 179 3.32 -14.59 -12.30
C VAL F 179 3.04 -14.68 -10.79
N ARG F 180 1.90 -15.29 -10.46
CA ARG F 180 1.46 -15.43 -9.08
C ARG F 180 2.28 -16.42 -8.28
N LYS F 181 2.47 -17.59 -8.87
CA LYS F 181 3.22 -18.68 -8.27
C LYS F 181 4.64 -18.26 -7.98
N ASP F 182 5.29 -17.64 -8.95
CA ASP F 182 6.66 -17.18 -8.75
C ASP F 182 6.75 -16.15 -7.63
N SER F 183 5.69 -15.36 -7.46
CA SER F 183 5.70 -14.35 -6.42
C SER F 183 5.54 -14.96 -5.03
N LEU F 184 5.11 -16.23 -4.96
CA LEU F 184 4.89 -16.88 -3.68
C LEU F 184 6.02 -17.78 -3.16
N LYS F 185 6.97 -18.15 -4.02
CA LYS F 185 8.05 -19.06 -3.62
C LYS F 185 9.39 -18.40 -3.32
N VAL F 186 9.41 -17.07 -3.27
CA VAL F 186 10.67 -16.37 -3.01
C VAL F 186 10.71 -15.66 -1.68
N ARG F 187 11.84 -15.77 -0.99
CA ARG F 187 11.95 -15.11 0.29
C ARG F 187 12.28 -13.64 0.05
N TRP F 188 11.90 -12.78 0.99
CA TRP F 188 12.20 -11.38 0.85
C TRP F 188 13.67 -11.21 1.22
N VAL F 189 14.29 -10.14 0.77
CA VAL F 189 15.70 -9.92 1.07
C VAL F 189 15.92 -8.63 1.86
N THR F 190 16.99 -8.62 2.66
CA THR F 190 17.33 -7.44 3.44
C THR F 190 17.98 -6.41 2.52
C GAI G . 5.62 -2.76 3.48
N1 GAI G . 6.15 -1.71 2.93
N2 GAI G . 4.56 -2.66 4.30
N3 GAI G . 6.16 -3.98 3.22
C GAI H . 17.14 3.60 28.57
N1 GAI H . 18.10 3.69 27.70
N2 GAI H . 17.18 4.30 29.72
N3 GAI H . 16.10 2.78 28.32
C1 GOL I . 21.87 8.94 12.39
O1 GOL I . 21.42 8.47 13.66
C2 GOL I . 22.68 7.86 11.67
O2 GOL I . 21.88 6.69 11.48
C3 GOL I . 23.13 8.42 10.31
O3 GOL I . 23.91 7.45 9.59
C GAI J . 17.67 34.16 6.39
N1 GAI J . 16.87 35.07 5.90
N2 GAI J . 17.65 33.85 7.71
N3 GAI J . 18.54 33.53 5.58
C1 GOL K . -9.02 24.87 -2.22
O1 GOL K . -8.64 24.95 -3.59
C2 GOL K . -10.47 24.40 -2.10
O2 GOL K . -10.61 23.11 -2.72
C3 GOL K . -10.85 24.31 -0.63
O3 GOL K . -12.21 23.87 -0.48
C GAI L . -24.96 -20.30 32.04
N1 GAI L . -25.72 -20.64 31.03
N2 GAI L . -24.47 -21.24 32.88
N3 GAI L . -24.67 -19.00 32.24
C1 GOL M . 3.42 -16.48 20.19
O1 GOL M . 3.87 -17.65 19.50
C2 GOL M . 4.60 -15.77 20.85
O2 GOL M . 5.56 -15.40 19.83
C3 GOL M . 4.07 -14.51 21.56
O3 GOL M . 5.13 -13.81 22.22
C GAI N . -28.93 13.78 9.48
N1 GAI N . -29.65 14.51 8.68
N2 GAI N . -28.95 14.01 10.81
N3 GAI N . -28.17 12.78 8.98
C1 GOL O . -26.30 -2.59 2.91
O1 GOL O . -26.67 -1.48 3.72
C2 GOL O . -26.81 -2.38 1.48
O2 GOL O . -26.25 -1.16 0.94
C3 GOL O . -26.38 -3.59 0.63
O3 GOL O . -26.82 -3.47 -0.72
C GAI P . -12.68 9.30 -13.67
N1 GAI P . -12.58 8.04 -13.37
N2 GAI P . -13.82 9.98 -13.43
N3 GAI P . -11.61 9.94 -14.23
C GAI Q . 32.15 -5.19 -5.93
N1 GAI Q . 31.95 -6.46 -5.69
N2 GAI Q . 33.39 -4.66 -5.96
N3 GAI Q . 31.07 -4.39 -6.16
C1 GOL R . 19.14 -16.47 -7.70
O1 GOL R . 20.17 -15.50 -7.63
C2 GOL R . 19.09 -17.32 -6.42
O2 GOL R . 18.87 -16.46 -5.30
C3 GOL R . 17.95 -18.35 -6.55
O3 GOL R . 17.87 -19.17 -5.38
C GAI S . 9.86 -14.70 -35.49
N1 GAI S . 10.14 -13.97 -34.46
N2 GAI S . 10.11 -14.26 -36.73
N3 GAI S . 9.32 -15.92 -35.31
C1 GOL T . -8.75 1.57 -24.95
O1 GOL T . -9.88 0.80 -24.53
C2 GOL T . -9.07 3.07 -24.85
O2 GOL T . -9.43 3.37 -23.50
C3 GOL T . -7.84 3.88 -25.29
O3 GOL T . -8.10 5.29 -25.21
#